data_1R6V
#
_entry.id   1R6V
#
_cell.length_a   49.558
_cell.length_b   51.031
_cell.length_c   79.101
_cell.angle_alpha   93.90
_cell.angle_beta   104.72
_cell.angle_gamma   115.43
#
_symmetry.space_group_name_H-M   'P 1'
#
loop_
_entity.id
_entity.type
_entity.pdbx_description
1 polymer 'subtilisin-like serine protease'
2 non-polymer 'CALCIUM ION'
3 water water
#
_entity_poly.entity_id   1
_entity_poly.type   'polypeptide(L)'
_entity_poly.pdbx_seq_one_letter_code
;SKAKDLASLPEIKSQGYHILFGELRDGEYTEGKILVGYNDRSEVDKIVKAVNGKVVLELPQIKVVSIKLNGMTVKQAYDK
IKALALKGIRYVEPSYKRELIKPTVVKPNPDMYKIRKPGLNSTARDYGEELSNELWGLEAIGVTQQLWEEASGTNIIVAV
VDTGVDGTHPDLEGQVIAGYRPAFDEELPAGTDSSYGGSAGTHVAGTIAAKKDGKGIVGVAPGAKIMPIVIFDDPALVGG
NGYVGDDYVAAGIIWATDHGAKVMNHSWGGWGYSYTMKEAFDYAMEHGVVMVVSAGNNTSDSHHQYPAGYPGVIQVAALD
YYGGTFRVAGFSSRSDGVSVGAPGVTILSTVPGEDSIGYEGHNENVPATNGGTYDYYQGTSMAAPHVTGVVAVLLQKFPN
AKPWQIRKLLENTAFDFNGNGWDHDTGYGLVKLDAALQGPLPTQGGVEEFQVVVTDAKGNFGVPTVFVSMMRDNGSCYYA
KTGPDGIARFPHIDSGTYDIFVGGPDHWDRALAPYDGESIPGGYAIALRMAEERQASFVGFGVSPDATQLNVNFNSTLQV
KFSTNLSTLKDPQFVVVDPLLRGVYGRVAYARNQTYDLSLLSGQISFGIQTLLPAATDITIQGTVTLNGEDIPVYGVLKA
GTTWTIIDDFGGLNLGTDSQPIYVWWTIFGQ
;
_entity_poly.pdbx_strand_id   A
#
# COMPACT_ATOMS: atom_id res chain seq x y z
N SER A 1 21.80 -7.71 22.61
CA SER A 1 22.70 -8.48 23.52
C SER A 1 22.32 -9.96 23.51
N LYS A 2 23.25 -10.80 23.95
CA LYS A 2 23.01 -12.24 24.01
C LYS A 2 23.05 -12.75 25.45
N ALA A 3 23.25 -14.05 25.62
CA ALA A 3 23.30 -14.66 26.95
C ALA A 3 23.68 -16.14 26.87
N LYS A 4 24.32 -16.63 27.94
CA LYS A 4 24.74 -18.03 28.00
C LYS A 4 24.13 -18.73 29.22
N ASP A 5 23.93 -17.97 30.29
CA ASP A 5 23.36 -18.51 31.53
C ASP A 5 22.07 -17.77 31.86
N LEU A 6 21.05 -18.51 32.28
CA LEU A 6 19.76 -17.92 32.62
C LEU A 6 19.73 -17.28 34.00
N ALA A 7 20.43 -17.90 34.96
CA ALA A 7 20.48 -17.40 36.33
C ALA A 7 21.27 -16.11 36.45
N SER A 8 22.20 -15.88 35.53
CA SER A 8 23.04 -14.69 35.56
C SER A 8 22.43 -13.49 34.84
N LEU A 9 21.33 -13.70 34.12
CA LEU A 9 20.68 -12.62 33.40
C LEU A 9 20.05 -11.60 34.36
N PRO A 10 20.19 -10.31 34.03
CA PRO A 10 19.64 -9.22 34.84
C PRO A 10 18.15 -9.01 34.57
N GLU A 11 17.50 -8.23 35.44
CA GLU A 11 16.09 -7.92 35.32
C GLU A 11 15.96 -6.73 34.38
N ILE A 12 15.03 -6.80 33.43
CA ILE A 12 14.80 -5.70 32.49
C ILE A 12 13.31 -5.38 32.31
N LYS A 13 13.03 -4.20 31.79
CA LYS A 13 11.66 -3.75 31.56
C LYS A 13 11.18 -4.23 30.19
N SER A 14 9.86 -4.23 29.98
CA SER A 14 9.28 -4.66 28.71
C SER A 14 10.05 -4.04 27.56
N GLN A 15 10.24 -4.83 26.51
CA GLN A 15 10.98 -4.41 25.32
C GLN A 15 10.07 -4.13 24.13
N GLY A 16 8.76 -4.06 24.36
CA GLY A 16 7.83 -3.81 23.27
C GLY A 16 7.59 -5.03 22.39
N TYR A 17 7.25 -4.82 21.13
CA TYR A 17 7.00 -5.94 20.22
C TYR A 17 8.09 -6.10 19.17
N HIS A 18 8.07 -7.25 18.52
CA HIS A 18 9.02 -7.66 17.48
C HIS A 18 9.09 -6.67 16.32
N ILE A 19 10.19 -6.73 15.57
CA ILE A 19 10.38 -5.86 14.43
C ILE A 19 9.30 -6.21 13.39
N LEU A 20 8.83 -5.21 12.67
CA LEU A 20 7.79 -5.39 11.68
C LEU A 20 8.37 -5.86 10.34
N PHE A 21 8.10 -7.13 10.00
CA PHE A 21 8.57 -7.68 8.73
C PHE A 21 7.43 -7.76 7.74
N GLY A 22 7.69 -7.39 6.49
CA GLY A 22 6.65 -7.46 5.49
C GLY A 22 6.34 -8.91 5.17
N GLU A 23 5.06 -9.22 4.99
CA GLU A 23 4.65 -10.59 4.70
C GLU A 23 5.27 -11.11 3.43
N LEU A 24 5.77 -12.34 3.49
CA LEU A 24 6.40 -13.00 2.35
C LEU A 24 5.45 -14.01 1.73
N ARG A 25 5.15 -13.80 0.45
CA ARG A 25 4.24 -14.66 -0.31
C ARG A 25 4.94 -15.14 -1.58
N ASP A 26 5.03 -16.44 -1.80
CA ASP A 26 5.70 -16.93 -3.00
C ASP A 26 5.18 -16.28 -4.27
N GLY A 27 6.11 -15.89 -5.15
CA GLY A 27 5.74 -15.26 -6.40
C GLY A 27 5.19 -13.85 -6.28
N GLU A 28 5.06 -13.34 -5.06
CA GLU A 28 4.51 -12.00 -4.89
C GLU A 28 5.53 -10.92 -4.60
N TYR A 29 6.82 -11.24 -4.63
CA TYR A 29 7.83 -10.23 -4.37
C TYR A 29 9.13 -10.43 -5.11
N THR A 30 9.86 -9.34 -5.29
CA THR A 30 11.14 -9.36 -5.99
C THR A 30 12.21 -9.90 -5.04
N GLU A 31 12.97 -10.87 -5.52
CA GLU A 31 14.01 -11.46 -4.69
C GLU A 31 15.28 -10.61 -4.64
N GLY A 32 16.09 -10.85 -3.61
CA GLY A 32 17.37 -10.18 -3.44
C GLY A 32 17.47 -8.74 -2.99
N LYS A 33 16.39 -8.19 -2.45
CA LYS A 33 16.42 -6.80 -2.00
C LYS A 33 15.42 -6.58 -0.87
N ILE A 34 15.79 -5.72 0.07
CA ILE A 34 14.88 -5.36 1.16
C ILE A 34 14.76 -3.86 1.29
N LEU A 35 13.57 -3.40 1.69
CA LEU A 35 13.34 -1.97 1.89
C LEU A 35 13.25 -1.79 3.39
N VAL A 36 14.05 -0.87 3.92
CA VAL A 36 14.07 -0.64 5.35
C VAL A 36 13.55 0.74 5.74
N GLY A 37 12.45 0.76 6.47
CA GLY A 37 11.87 2.00 6.96
C GLY A 37 12.51 2.16 8.32
N TYR A 38 13.14 3.31 8.55
CA TYR A 38 13.84 3.52 9.81
C TYR A 38 13.40 4.79 10.49
N ASN A 39 13.83 4.93 11.73
CA ASN A 39 13.61 6.16 12.45
C ASN A 39 15.03 6.69 12.60
N ASP A 40 15.95 5.81 13.03
CA ASP A 40 17.36 6.15 13.22
C ASP A 40 18.20 5.58 12.08
N ARG A 41 18.60 6.44 11.14
CA ARG A 41 19.40 6.00 9.99
C ARG A 41 20.64 5.18 10.37
N SER A 42 21.24 5.47 11.53
CA SER A 42 22.43 4.72 11.93
C SER A 42 22.14 3.23 12.18
N GLU A 43 20.92 2.94 12.64
CA GLU A 43 20.56 1.55 12.91
C GLU A 43 20.51 0.73 11.64
N VAL A 44 20.25 1.38 10.51
CA VAL A 44 20.17 0.67 9.25
C VAL A 44 21.54 0.04 8.97
N ASP A 45 22.61 0.69 9.43
CA ASP A 45 23.93 0.16 9.19
C ASP A 45 24.13 -1.20 9.87
N LYS A 46 23.38 -1.48 10.94
CA LYS A 46 23.47 -2.76 11.62
C LYS A 46 22.87 -3.84 10.73
N ILE A 47 21.85 -3.48 9.95
CA ILE A 47 21.22 -4.42 9.02
C ILE A 47 22.15 -4.65 7.83
N VAL A 48 22.77 -3.57 7.34
CA VAL A 48 23.67 -3.69 6.19
C VAL A 48 24.79 -4.68 6.52
N LYS A 49 25.38 -4.51 7.70
CA LYS A 49 26.45 -5.41 8.10
C LYS A 49 25.95 -6.84 8.32
N ALA A 50 24.78 -6.99 8.93
CA ALA A 50 24.25 -8.32 9.20
C ALA A 50 24.00 -9.12 7.91
N VAL A 51 23.57 -8.45 6.86
CA VAL A 51 23.31 -9.16 5.61
C VAL A 51 24.43 -8.90 4.62
N ASN A 52 25.40 -8.08 5.03
CA ASN A 52 26.52 -7.70 4.17
C ASN A 52 25.96 -7.27 2.82
N GLY A 53 25.01 -6.34 2.87
CA GLY A 53 24.41 -5.88 1.64
C GLY A 53 24.95 -4.55 1.17
N LYS A 54 24.32 -4.00 0.14
CA LYS A 54 24.73 -2.73 -0.38
C LYS A 54 23.53 -1.81 -0.53
N VAL A 55 23.66 -0.61 0.01
CA VAL A 55 22.60 0.39 -0.07
C VAL A 55 22.56 0.87 -1.52
N VAL A 56 21.39 0.79 -2.16
CA VAL A 56 21.26 1.24 -3.54
C VAL A 56 20.36 2.46 -3.70
N LEU A 57 19.58 2.77 -2.67
CA LEU A 57 18.69 3.92 -2.73
C LEU A 57 18.46 4.45 -1.33
N GLU A 58 18.55 5.76 -1.18
CA GLU A 58 18.28 6.41 0.09
C GLU A 58 17.17 7.40 -0.19
N LEU A 59 16.11 7.33 0.61
CA LEU A 59 14.96 8.23 0.46
C LEU A 59 14.68 8.83 1.82
N PRO A 60 15.50 9.81 2.22
CA PRO A 60 15.28 10.43 3.54
C PRO A 60 13.94 11.09 3.76
N GLN A 61 13.27 11.54 2.70
CA GLN A 61 11.96 12.18 2.82
C GLN A 61 10.93 11.28 3.49
N ILE A 62 11.07 9.95 3.33
CA ILE A 62 10.16 9.01 3.99
C ILE A 62 10.97 7.98 4.82
N LYS A 63 12.21 8.34 5.15
CA LYS A 63 13.07 7.48 5.95
C LYS A 63 13.11 6.02 5.50
N VAL A 64 13.54 5.82 4.26
CA VAL A 64 13.65 4.50 3.67
C VAL A 64 15.01 4.33 3.02
N VAL A 65 15.56 3.14 3.18
CA VAL A 65 16.83 2.78 2.53
C VAL A 65 16.54 1.44 1.88
N SER A 66 16.92 1.27 0.61
CA SER A 66 16.72 -0.01 -0.06
C SER A 66 18.10 -0.68 -0.05
N ILE A 67 18.14 -1.96 0.31
CA ILE A 67 19.38 -2.71 0.42
C ILE A 67 19.42 -3.93 -0.49
N LYS A 68 20.42 -3.99 -1.37
CA LYS A 68 20.58 -5.14 -2.25
C LYS A 68 21.28 -6.22 -1.40
N LEU A 69 20.80 -7.45 -1.49
CA LEU A 69 21.33 -8.55 -0.68
C LEU A 69 22.59 -9.31 -1.11
N ASN A 70 23.02 -9.15 -2.35
CA ASN A 70 24.23 -9.84 -2.81
C ASN A 70 24.34 -11.32 -2.40
N GLY A 71 23.69 -12.20 -3.16
CA GLY A 71 23.78 -13.64 -2.89
C GLY A 71 23.09 -14.12 -1.62
N MET A 72 21.86 -13.66 -1.40
CA MET A 72 21.08 -14.04 -0.23
C MET A 72 19.63 -13.76 -0.60
N THR A 73 18.69 -14.53 -0.07
CA THR A 73 17.29 -14.32 -0.38
C THR A 73 16.69 -13.41 0.69
N VAL A 74 15.50 -12.88 0.43
CA VAL A 74 14.84 -12.03 1.40
C VAL A 74 14.64 -12.82 2.68
N LYS A 75 14.20 -14.06 2.56
CA LYS A 75 13.95 -14.90 3.72
C LYS A 75 15.22 -15.05 4.56
N GLN A 76 16.34 -15.28 3.89
CA GLN A 76 17.60 -15.40 4.60
C GLN A 76 17.99 -14.08 5.26
N ALA A 77 17.68 -12.96 4.62
CA ALA A 77 17.98 -11.65 5.21
C ALA A 77 17.14 -11.47 6.46
N TYR A 78 15.88 -11.90 6.41
CA TYR A 78 15.03 -11.81 7.59
C TYR A 78 15.67 -12.63 8.72
N ASP A 79 16.19 -13.81 8.41
CA ASP A 79 16.80 -14.64 9.44
C ASP A 79 17.98 -13.94 10.10
N LYS A 80 18.73 -13.16 9.32
CA LYS A 80 19.89 -12.44 9.85
C LYS A 80 19.51 -11.21 10.65
N ILE A 81 18.29 -10.72 10.44
CA ILE A 81 17.81 -9.51 11.09
C ILE A 81 16.92 -9.72 12.30
N LYS A 82 16.08 -10.76 12.23
CA LYS A 82 15.10 -11.04 13.28
C LYS A 82 15.56 -11.14 14.70
N ALA A 83 16.83 -11.49 14.91
CA ALA A 83 17.34 -11.61 16.27
C ALA A 83 18.36 -10.53 16.62
N LEU A 84 18.43 -9.46 15.83
CA LEU A 84 19.39 -8.38 16.09
C LEU A 84 19.01 -7.41 17.19
N ALA A 85 17.73 -7.37 17.56
CA ALA A 85 17.30 -6.48 18.62
C ALA A 85 17.48 -5.00 18.28
N LEU A 86 17.10 -4.62 17.06
CA LEU A 86 17.21 -3.24 16.63
C LEU A 86 16.12 -2.41 17.31
N LYS A 87 16.38 -1.14 17.57
CA LYS A 87 15.35 -0.33 18.23
C LYS A 87 14.81 0.82 17.39
N GLY A 88 15.65 1.40 16.53
CA GLY A 88 15.20 2.51 15.72
C GLY A 88 14.82 2.16 14.29
N ILE A 89 14.25 0.96 14.09
CA ILE A 89 13.84 0.52 12.76
C ILE A 89 12.32 0.42 12.75
N ARG A 90 11.67 0.95 11.72
CA ARG A 90 10.20 0.85 11.65
C ARG A 90 9.74 -0.46 11.02
N TYR A 91 10.36 -0.85 9.91
CA TYR A 91 9.97 -2.10 9.25
C TYR A 91 11.01 -2.52 8.23
N VAL A 92 10.90 -3.78 7.81
CA VAL A 92 11.77 -4.34 6.79
C VAL A 92 10.83 -5.11 5.91
N GLU A 93 10.79 -4.80 4.61
CA GLU A 93 9.87 -5.52 3.72
C GLU A 93 10.49 -5.68 2.34
N PRO A 94 9.94 -6.58 1.50
CA PRO A 94 10.51 -6.72 0.16
C PRO A 94 9.81 -5.68 -0.74
N SER A 95 10.24 -5.60 -2.00
CA SER A 95 9.56 -4.75 -2.97
C SER A 95 8.60 -5.78 -3.56
N TYR A 96 7.32 -5.47 -3.59
CA TYR A 96 6.35 -6.43 -4.12
C TYR A 96 6.16 -6.37 -5.62
N LYS A 97 5.61 -7.45 -6.19
CA LYS A 97 5.36 -7.50 -7.61
C LYS A 97 4.19 -6.59 -7.97
N ARG A 98 4.34 -5.83 -9.06
CA ARG A 98 3.25 -4.95 -9.53
C ARG A 98 3.15 -5.08 -11.04
N GLU A 99 1.97 -4.82 -11.58
CA GLU A 99 1.80 -4.89 -13.00
C GLU A 99 1.01 -3.68 -13.44
N LEU A 100 1.24 -3.28 -14.68
CA LEU A 100 0.53 -2.16 -15.25
C LEU A 100 -0.87 -2.69 -15.58
N ILE A 101 -1.90 -1.88 -15.33
CA ILE A 101 -3.26 -2.28 -15.66
C ILE A 101 -3.37 -1.90 -17.14
N LYS A 102 -2.85 -2.78 -18.00
CA LYS A 102 -2.75 -2.58 -19.43
C LYS A 102 -4.01 -2.34 -20.28
N PRO A 103 -4.02 -1.25 -21.05
CA PRO A 103 -5.18 -0.97 -21.90
C PRO A 103 -5.13 -1.87 -23.12
N THR A 104 -6.29 -2.12 -23.73
CA THR A 104 -6.34 -2.96 -24.93
C THR A 104 -6.86 -2.12 -26.09
N VAL A 105 -6.46 -2.48 -27.30
CA VAL A 105 -6.88 -1.74 -28.47
C VAL A 105 -8.29 -2.10 -28.91
N VAL A 106 -9.03 -1.10 -29.38
CA VAL A 106 -10.37 -1.33 -29.90
C VAL A 106 -10.52 -0.55 -31.20
N LYS A 107 -11.54 -0.86 -31.98
CA LYS A 107 -11.77 -0.18 -33.24
C LYS A 107 -12.57 1.09 -33.05
N PRO A 108 -12.44 2.04 -33.98
CA PRO A 108 -13.22 3.26 -33.83
C PRO A 108 -14.69 2.91 -33.92
N ASN A 109 -15.52 3.75 -33.31
CA ASN A 109 -16.96 3.54 -33.33
C ASN A 109 -17.68 4.86 -33.57
N PRO A 110 -18.10 5.12 -34.82
CA PRO A 110 -18.81 6.35 -35.19
C PRO A 110 -20.12 6.60 -34.46
N ASP A 111 -20.69 5.57 -33.84
CA ASP A 111 -21.95 5.73 -33.11
C ASP A 111 -21.76 5.90 -31.60
N MET A 112 -20.52 5.89 -31.14
CA MET A 112 -20.25 6.01 -29.70
C MET A 112 -20.83 7.28 -29.08
N TYR A 113 -21.67 7.10 -28.06
CA TYR A 113 -22.30 8.22 -27.35
C TYR A 113 -23.00 9.19 -28.30
N LYS A 114 -23.85 8.62 -29.16
CA LYS A 114 -24.61 9.37 -30.14
C LYS A 114 -26.10 9.07 -29.96
N ILE A 115 -26.91 9.61 -30.86
CA ILE A 115 -28.37 9.39 -30.84
C ILE A 115 -28.98 9.54 -29.44
N ARG A 116 -29.54 10.73 -29.17
CA ARG A 116 -30.16 11.01 -27.88
C ARG A 116 -29.22 10.73 -26.70
N LYS A 117 -27.97 11.17 -26.84
CA LYS A 117 -26.97 10.99 -25.78
C LYS A 117 -26.91 12.22 -24.89
N PRO A 118 -26.37 13.30 -25.43
CA PRO A 118 -26.25 14.55 -24.70
C PRO A 118 -25.88 15.68 -25.67
N GLY A 119 -26.85 16.08 -26.49
CA GLY A 119 -26.65 17.13 -27.48
C GLY A 119 -25.71 16.66 -28.57
N LEU A 120 -26.24 15.88 -29.51
CA LEU A 120 -25.44 15.37 -30.62
C LEU A 120 -25.85 16.03 -31.93
N ASN A 121 -26.12 17.33 -31.87
CA ASN A 121 -26.53 18.08 -33.06
C ASN A 121 -25.95 19.49 -33.02
N SER A 122 -25.68 20.05 -34.20
CA SER A 122 -25.14 21.40 -34.33
C SER A 122 -23.88 21.58 -33.48
N THR A 123 -22.72 21.22 -34.05
CA THR A 123 -21.45 21.34 -33.34
C THR A 123 -21.51 20.74 -31.94
N ALA A 124 -21.86 19.47 -31.84
CA ALA A 124 -21.95 18.79 -30.56
C ALA A 124 -20.57 18.76 -29.89
N ARG A 125 -19.62 18.16 -30.58
CA ARG A 125 -18.26 18.07 -30.07
C ARG A 125 -17.37 19.06 -30.79
N ASP A 126 -17.57 20.34 -30.52
CA ASP A 126 -16.79 21.38 -31.16
C ASP A 126 -15.69 21.84 -30.20
N TYR A 127 -14.55 21.15 -30.23
CA TYR A 127 -13.43 21.51 -29.37
C TYR A 127 -12.34 22.25 -30.13
N GLY A 128 -12.51 22.39 -31.44
CA GLY A 128 -11.53 23.11 -32.25
C GLY A 128 -10.48 22.30 -32.97
N GLU A 129 -10.37 21.02 -32.62
CA GLU A 129 -9.37 20.13 -33.21
C GLU A 129 -10.00 19.29 -34.32
N GLU A 130 -9.19 18.92 -35.30
CA GLU A 130 -9.70 18.14 -36.42
C GLU A 130 -10.31 16.80 -36.01
N LEU A 131 -9.86 16.23 -34.89
CA LEU A 131 -10.42 14.95 -34.45
C LEU A 131 -11.47 15.08 -33.35
N SER A 132 -11.94 16.30 -33.09
CA SER A 132 -12.94 16.55 -32.05
C SER A 132 -14.14 15.63 -32.11
N ASN A 133 -14.58 15.30 -33.32
CA ASN A 133 -15.78 14.47 -33.45
C ASN A 133 -15.65 13.10 -32.80
N GLU A 134 -14.43 12.64 -32.65
CA GLU A 134 -14.24 11.32 -32.06
C GLU A 134 -14.02 11.32 -30.55
N LEU A 135 -13.89 12.49 -29.96
CA LEU A 135 -13.65 12.57 -28.51
C LEU A 135 -14.93 12.54 -27.68
N TRP A 136 -15.61 11.39 -27.72
CA TRP A 136 -16.87 11.24 -26.98
C TRP A 136 -16.69 11.38 -25.48
N GLY A 137 -15.51 11.03 -24.98
CA GLY A 137 -15.24 11.13 -23.56
C GLY A 137 -15.30 12.56 -23.06
N LEU A 138 -14.81 13.50 -23.86
CA LEU A 138 -14.85 14.90 -23.46
C LEU A 138 -16.30 15.36 -23.40
N GLU A 139 -17.10 14.92 -24.37
CA GLU A 139 -18.51 15.32 -24.35
C GLU A 139 -19.20 14.74 -23.12
N ALA A 140 -18.90 13.49 -22.81
CA ALA A 140 -19.52 12.84 -21.67
C ALA A 140 -19.24 13.54 -20.34
N ILE A 141 -18.03 14.06 -20.16
CA ILE A 141 -17.72 14.71 -18.90
C ILE A 141 -18.10 16.18 -18.87
N GLY A 142 -18.70 16.67 -19.95
CA GLY A 142 -19.13 18.06 -19.98
C GLY A 142 -18.15 19.14 -20.41
N VAL A 143 -17.09 18.73 -21.10
CA VAL A 143 -16.11 19.70 -21.56
C VAL A 143 -16.67 20.54 -22.71
N THR A 144 -16.39 21.84 -22.69
CA THR A 144 -16.79 22.71 -23.80
C THR A 144 -15.70 23.75 -23.93
N GLN A 145 -15.59 24.37 -25.09
CA GLN A 145 -14.56 25.38 -25.25
C GLN A 145 -14.83 26.54 -24.30
N GLN A 146 -16.10 26.84 -24.07
CA GLN A 146 -16.46 27.92 -23.16
C GLN A 146 -15.95 27.61 -21.77
N LEU A 147 -16.07 26.34 -21.36
CA LEU A 147 -15.61 25.94 -20.04
C LEU A 147 -14.11 26.18 -19.90
N TRP A 148 -13.34 25.85 -20.95
CA TRP A 148 -11.89 26.06 -20.90
C TRP A 148 -11.54 27.53 -20.76
N GLU A 149 -12.44 28.40 -21.19
CA GLU A 149 -12.17 29.83 -21.06
C GLU A 149 -12.11 30.22 -19.60
N GLU A 150 -12.83 29.48 -18.74
CA GLU A 150 -12.80 29.77 -17.31
C GLU A 150 -11.63 29.06 -16.63
N ALA A 151 -11.43 27.79 -16.98
CA ALA A 151 -10.35 26.99 -16.40
C ALA A 151 -9.95 25.86 -17.36
N SER A 152 -8.66 25.62 -17.49
CA SER A 152 -8.15 24.57 -18.39
C SER A 152 -6.91 23.85 -17.83
N GLY A 153 -6.58 24.10 -16.57
CA GLY A 153 -5.42 23.45 -15.97
C GLY A 153 -4.14 24.29 -15.98
N THR A 154 -4.26 25.57 -16.31
CA THR A 154 -3.10 26.46 -16.36
C THR A 154 -2.25 26.41 -15.09
N ASN A 155 -0.94 26.21 -15.28
CA ASN A 155 0.07 26.13 -14.21
C ASN A 155 0.02 24.87 -13.37
N ILE A 156 -0.88 23.95 -13.68
CA ILE A 156 -0.97 22.73 -12.89
C ILE A 156 -0.05 21.67 -13.50
N ILE A 157 0.79 21.05 -12.67
CA ILE A 157 1.71 20.01 -13.13
C ILE A 157 1.09 18.65 -12.78
N VAL A 158 0.94 17.80 -13.79
CA VAL A 158 0.37 16.46 -13.61
C VAL A 158 1.45 15.40 -13.81
N ALA A 159 1.68 14.56 -12.81
CA ALA A 159 2.66 13.51 -12.97
C ALA A 159 2.00 12.28 -13.54
N VAL A 160 2.55 11.79 -14.64
CA VAL A 160 2.03 10.58 -15.27
C VAL A 160 3.03 9.50 -14.84
N VAL A 161 2.62 8.70 -13.87
CA VAL A 161 3.45 7.65 -13.25
C VAL A 161 3.07 6.40 -14.02
N ASP A 162 3.93 6.08 -14.99
CA ASP A 162 3.57 5.06 -15.96
C ASP A 162 4.83 4.55 -16.71
N THR A 163 4.65 4.27 -18.00
CA THR A 163 5.69 3.76 -18.89
C THR A 163 6.60 4.84 -19.50
N GLY A 164 6.37 6.10 -19.15
CA GLY A 164 7.14 7.17 -19.77
C GLY A 164 6.26 7.77 -20.85
N VAL A 165 6.65 8.92 -21.40
CA VAL A 165 5.84 9.62 -22.40
C VAL A 165 6.65 10.02 -23.64
N ASP A 166 6.08 9.82 -24.84
CA ASP A 166 6.79 10.23 -26.06
C ASP A 166 6.55 11.72 -26.25
N GLY A 167 7.41 12.51 -25.61
CA GLY A 167 7.28 13.95 -25.67
C GLY A 167 7.53 14.54 -27.04
N THR A 168 7.97 13.72 -28.00
CA THR A 168 8.22 14.24 -29.34
C THR A 168 6.96 14.19 -30.20
N HIS A 169 5.88 13.67 -29.64
CA HIS A 169 4.61 13.62 -30.38
C HIS A 169 4.21 15.08 -30.65
N PRO A 170 3.79 15.38 -31.88
CA PRO A 170 3.40 16.75 -32.20
C PRO A 170 2.28 17.29 -31.33
N ASP A 171 1.30 16.45 -30.98
CA ASP A 171 0.17 16.88 -30.15
C ASP A 171 0.59 17.09 -28.67
N LEU A 172 1.85 16.83 -28.34
CA LEU A 172 2.32 17.03 -26.98
C LEU A 172 3.40 18.10 -26.92
N GLU A 173 3.63 18.77 -28.05
CA GLU A 173 4.66 19.82 -28.09
C GLU A 173 4.36 20.88 -27.04
N GLY A 174 5.38 21.24 -26.26
CA GLY A 174 5.20 22.26 -25.24
C GLY A 174 4.42 21.80 -24.01
N GLN A 175 3.90 20.57 -24.06
CA GLN A 175 3.09 20.03 -22.97
C GLN A 175 3.80 19.11 -21.99
N VAL A 176 4.97 18.61 -22.36
CA VAL A 176 5.71 17.68 -21.52
C VAL A 176 6.94 18.36 -20.95
N ILE A 177 6.95 18.57 -19.64
CA ILE A 177 8.08 19.22 -18.99
C ILE A 177 9.10 18.21 -18.47
N ALA A 178 10.12 18.69 -17.76
CA ALA A 178 11.16 17.79 -17.27
C ALA A 178 10.57 16.73 -16.35
N GLY A 179 11.02 15.49 -16.55
CA GLY A 179 10.53 14.37 -15.76
C GLY A 179 11.64 13.60 -15.09
N TYR A 180 11.31 12.40 -14.61
CA TYR A 180 12.26 11.57 -13.89
C TYR A 180 12.12 10.07 -14.19
N ARG A 181 13.28 9.42 -14.31
CA ARG A 181 13.40 7.98 -14.56
C ARG A 181 14.13 7.48 -13.32
N PRO A 182 13.40 7.18 -12.23
CA PRO A 182 14.00 6.72 -10.99
C PRO A 182 14.94 5.52 -11.01
N ALA A 183 14.70 4.57 -11.91
CA ALA A 183 15.55 3.38 -11.96
C ALA A 183 17.03 3.74 -12.12
N PHE A 184 17.30 4.86 -12.77
CA PHE A 184 18.68 5.27 -12.99
C PHE A 184 18.96 6.67 -12.51
N ASP A 185 18.06 7.18 -11.67
CA ASP A 185 18.17 8.53 -11.10
C ASP A 185 18.51 9.49 -12.22
N GLU A 186 17.80 9.31 -13.34
CA GLU A 186 17.99 10.09 -14.55
C GLU A 186 16.89 11.11 -14.79
N GLU A 187 17.27 12.37 -14.92
CA GLU A 187 16.34 13.45 -15.19
C GLU A 187 15.97 13.36 -16.66
N LEU A 188 14.68 13.55 -16.97
CA LEU A 188 14.20 13.48 -18.34
C LEU A 188 13.90 14.89 -18.85
N PRO A 189 14.69 15.39 -19.79
CA PRO A 189 14.48 16.74 -20.33
C PRO A 189 13.10 16.97 -20.93
N ALA A 190 12.61 18.19 -20.82
CA ALA A 190 11.31 18.55 -21.37
C ALA A 190 11.24 18.23 -22.86
N GLY A 191 10.05 17.85 -23.30
CA GLY A 191 9.84 17.55 -24.70
C GLY A 191 10.52 16.33 -25.28
N THR A 192 11.12 15.49 -24.45
CA THR A 192 11.80 14.31 -24.98
C THR A 192 10.97 13.04 -24.90
N ASP A 193 11.37 12.04 -25.68
CA ASP A 193 10.69 10.74 -25.70
C ASP A 193 11.21 9.89 -24.54
N SER A 194 10.36 9.60 -23.56
CA SER A 194 10.76 8.77 -22.42
C SER A 194 9.90 7.51 -22.36
N SER A 195 9.34 7.12 -23.49
CA SER A 195 8.45 5.96 -23.56
C SER A 195 9.14 4.58 -23.41
N TYR A 196 10.05 4.47 -22.46
CA TYR A 196 10.77 3.22 -22.22
C TYR A 196 9.91 1.98 -21.95
N GLY A 197 8.76 2.15 -21.30
CA GLY A 197 7.92 1.02 -20.96
C GLY A 197 6.81 0.66 -21.94
N GLY A 198 6.68 1.42 -23.01
CA GLY A 198 5.63 1.12 -23.96
C GLY A 198 4.81 2.35 -24.29
N SER A 199 3.62 2.14 -24.85
CA SER A 199 2.75 3.23 -25.28
C SER A 199 1.74 3.82 -24.31
N ALA A 200 1.43 3.11 -23.23
CA ALA A 200 0.42 3.58 -22.27
C ALA A 200 0.55 5.00 -21.76
N GLY A 201 1.71 5.34 -21.24
CA GLY A 201 1.91 6.68 -20.69
C GLY A 201 1.63 7.82 -21.67
N THR A 202 1.97 7.61 -22.94
CA THR A 202 1.72 8.64 -23.95
C THR A 202 0.23 8.79 -24.22
N HIS A 203 -0.49 7.67 -24.23
CA HIS A 203 -1.93 7.69 -24.43
C HIS A 203 -2.55 8.46 -23.26
N VAL A 204 -2.07 8.17 -22.06
CA VAL A 204 -2.53 8.84 -20.84
C VAL A 204 -2.28 10.35 -20.95
N ALA A 205 -1.05 10.71 -21.31
CA ALA A 205 -0.67 12.10 -21.44
C ALA A 205 -1.57 12.88 -22.41
N GLY A 206 -1.91 12.27 -23.54
CA GLY A 206 -2.76 12.95 -24.50
C GLY A 206 -4.17 13.18 -23.98
N THR A 207 -4.74 12.22 -23.27
CA THR A 207 -6.10 12.38 -22.76
C THR A 207 -6.17 13.53 -21.76
N ILE A 208 -5.12 13.63 -20.98
CA ILE A 208 -5.00 14.68 -19.97
C ILE A 208 -4.67 16.06 -20.53
N ALA A 209 -3.64 16.12 -21.37
CA ALA A 209 -3.21 17.41 -21.88
C ALA A 209 -2.76 17.53 -23.33
N ALA A 210 -3.35 16.79 -24.26
CA ALA A 210 -2.93 16.97 -25.64
C ALA A 210 -3.17 18.45 -25.96
N LYS A 211 -2.24 19.04 -26.70
CA LYS A 211 -2.30 20.46 -27.05
C LYS A 211 -3.51 20.94 -27.84
N LYS A 212 -4.10 22.07 -27.44
CA LYS A 212 -5.23 22.61 -28.19
C LYS A 212 -4.56 23.44 -29.30
N ASP A 213 -4.51 22.89 -30.50
CA ASP A 213 -3.85 23.58 -31.60
C ASP A 213 -4.50 23.34 -32.95
N GLY A 214 -5.76 22.89 -32.93
CA GLY A 214 -6.49 22.63 -34.15
C GLY A 214 -6.23 21.28 -34.80
N LYS A 215 -5.13 20.65 -34.40
CA LYS A 215 -4.73 19.35 -34.97
C LYS A 215 -4.89 18.20 -33.98
N GLY A 216 -4.99 16.99 -34.50
CA GLY A 216 -5.13 15.81 -33.65
C GLY A 216 -6.24 15.92 -32.62
N ILE A 217 -5.96 15.55 -31.38
CA ILE A 217 -6.97 15.62 -30.32
C ILE A 217 -6.62 16.75 -29.34
N VAL A 218 -7.34 16.82 -28.24
CA VAL A 218 -7.03 17.84 -27.23
C VAL A 218 -7.34 17.17 -25.90
N GLY A 219 -6.57 17.49 -24.87
CA GLY A 219 -6.78 16.89 -23.57
C GLY A 219 -7.90 17.54 -22.78
N VAL A 220 -8.26 16.92 -21.66
CA VAL A 220 -9.27 17.44 -20.76
C VAL A 220 -8.80 18.78 -20.19
N ALA A 221 -7.49 18.85 -19.94
CA ALA A 221 -6.84 20.02 -19.35
C ALA A 221 -5.70 20.49 -20.27
N PRO A 222 -6.05 21.12 -21.40
CA PRO A 222 -5.02 21.58 -22.34
C PRO A 222 -4.08 22.64 -21.78
N GLY A 223 -4.41 23.21 -20.64
CA GLY A 223 -3.54 24.21 -20.05
C GLY A 223 -2.50 23.63 -19.11
N ALA A 224 -2.70 22.39 -18.70
CA ALA A 224 -1.78 21.71 -17.79
C ALA A 224 -0.49 21.25 -18.46
N LYS A 225 0.43 20.74 -17.66
CA LYS A 225 1.71 20.24 -18.15
C LYS A 225 1.88 18.83 -17.63
N ILE A 226 2.57 18.00 -18.41
CA ILE A 226 2.79 16.61 -18.06
C ILE A 226 4.21 16.36 -17.57
N MET A 227 4.31 15.75 -16.39
CA MET A 227 5.62 15.42 -15.81
C MET A 227 5.73 13.89 -15.83
N PRO A 228 6.53 13.34 -16.75
CA PRO A 228 6.65 11.88 -16.81
C PRO A 228 7.54 11.28 -15.70
N ILE A 229 7.03 10.24 -15.05
CA ILE A 229 7.76 9.51 -14.03
C ILE A 229 7.74 8.07 -14.53
N VAL A 230 8.91 7.55 -14.89
CA VAL A 230 8.97 6.22 -15.45
C VAL A 230 9.05 5.12 -14.41
N ILE A 231 7.95 4.40 -14.21
CA ILE A 231 7.98 3.30 -13.26
C ILE A 231 7.87 1.92 -13.90
N PHE A 232 7.55 1.91 -15.21
CA PHE A 232 7.56 0.70 -16.02
C PHE A 232 8.53 1.09 -17.10
N ASP A 233 9.75 0.59 -16.91
CA ASP A 233 10.88 0.87 -17.78
C ASP A 233 11.08 -0.28 -18.77
N ASP A 234 12.23 -0.28 -19.45
CA ASP A 234 12.54 -1.33 -20.43
C ASP A 234 12.93 -2.61 -19.68
N PRO A 235 12.12 -3.68 -19.79
CA PRO A 235 12.46 -4.93 -19.09
C PRO A 235 13.83 -5.50 -19.43
N ALA A 236 14.40 -5.05 -20.54
CA ALA A 236 15.71 -5.53 -20.95
C ALA A 236 16.77 -4.86 -20.08
N LEU A 237 16.42 -3.69 -19.52
CA LEU A 237 17.33 -2.95 -18.67
C LEU A 237 17.09 -3.15 -17.18
N VAL A 238 15.83 -3.33 -16.78
CA VAL A 238 15.53 -3.51 -15.37
C VAL A 238 14.99 -4.90 -15.02
N GLY A 239 14.87 -5.76 -16.03
CA GLY A 239 14.39 -7.11 -15.79
C GLY A 239 12.90 -7.25 -15.53
N GLY A 240 12.48 -8.48 -15.24
CA GLY A 240 11.07 -8.75 -14.98
C GLY A 240 10.16 -8.19 -16.04
N ASN A 241 9.09 -7.50 -15.62
CA ASN A 241 8.15 -6.92 -16.57
C ASN A 241 8.40 -5.43 -16.72
N GLY A 242 9.57 -4.99 -16.28
CA GLY A 242 9.91 -3.59 -16.40
C GLY A 242 9.57 -2.76 -15.17
N TYR A 243 8.83 -3.34 -14.23
CA TYR A 243 8.47 -2.60 -13.01
C TYR A 243 9.78 -2.26 -12.30
N VAL A 244 9.96 -0.99 -11.92
CA VAL A 244 11.19 -0.55 -11.29
C VAL A 244 11.33 -0.90 -9.81
N GLY A 245 10.24 -1.37 -9.20
CA GLY A 245 10.30 -1.72 -7.78
C GLY A 245 9.61 -0.69 -6.90
N ASP A 246 9.07 -1.14 -5.78
CA ASP A 246 8.35 -0.24 -4.87
C ASP A 246 9.26 0.88 -4.36
N ASP A 247 10.55 0.57 -4.18
CA ASP A 247 11.49 1.57 -3.72
C ASP A 247 11.71 2.66 -4.78
N TYR A 248 11.90 2.28 -6.04
CA TYR A 248 12.11 3.32 -7.05
C TYR A 248 10.83 4.09 -7.36
N VAL A 249 9.66 3.44 -7.24
CA VAL A 249 8.40 4.17 -7.44
C VAL A 249 8.28 5.23 -6.34
N ALA A 250 8.58 4.84 -5.10
CA ALA A 250 8.53 5.81 -3.99
C ALA A 250 9.46 6.99 -4.31
N ALA A 251 10.66 6.70 -4.82
CA ALA A 251 11.60 7.77 -5.18
C ALA A 251 10.97 8.67 -6.24
N GLY A 252 10.32 8.07 -7.23
CA GLY A 252 9.68 8.87 -8.28
C GLY A 252 8.52 9.71 -7.77
N ILE A 253 7.75 9.17 -6.83
CA ILE A 253 6.61 9.90 -6.26
C ILE A 253 7.12 11.04 -5.41
N ILE A 254 8.18 10.78 -4.66
CA ILE A 254 8.77 11.83 -3.83
C ILE A 254 9.35 12.94 -4.73
N TRP A 255 10.04 12.54 -5.79
CA TRP A 255 10.62 13.50 -6.72
C TRP A 255 9.53 14.37 -7.33
N ALA A 256 8.45 13.73 -7.79
CA ALA A 256 7.35 14.47 -8.41
C ALA A 256 6.71 15.47 -7.44
N THR A 257 6.53 15.04 -6.19
CA THR A 257 5.96 15.89 -5.17
C THR A 257 6.88 17.09 -4.90
N ASP A 258 8.16 16.78 -4.73
CA ASP A 258 9.15 17.81 -4.44
C ASP A 258 9.33 18.78 -5.59
N HIS A 259 9.03 18.34 -6.81
CA HIS A 259 9.17 19.19 -7.97
C HIS A 259 7.88 19.82 -8.46
N GLY A 260 6.88 19.86 -7.58
CA GLY A 260 5.66 20.54 -7.94
C GLY A 260 4.43 19.89 -8.51
N ALA A 261 4.42 18.57 -8.73
CA ALA A 261 3.21 17.93 -9.25
C ALA A 261 2.07 18.13 -8.24
N LYS A 262 0.87 18.49 -8.71
CA LYS A 262 -0.27 18.66 -7.82
C LYS A 262 -1.28 17.52 -7.93
N VAL A 263 -1.14 16.71 -8.98
CA VAL A 263 -2.00 15.54 -9.12
C VAL A 263 -1.18 14.51 -9.90
N MET A 264 -1.37 13.23 -9.57
CA MET A 264 -0.66 12.13 -10.25
C MET A 264 -1.65 11.12 -10.76
N ASN A 265 -1.34 10.51 -11.91
CA ASN A 265 -2.21 9.49 -12.50
C ASN A 265 -1.49 8.15 -12.38
N HIS A 266 -2.17 7.15 -11.79
CA HIS A 266 -1.61 5.80 -11.59
C HIS A 266 -2.53 4.71 -12.12
N SER A 267 -2.01 3.81 -12.95
CA SER A 267 -2.84 2.70 -13.42
C SER A 267 -1.98 1.45 -13.37
N TRP A 268 -1.60 1.07 -12.15
CA TRP A 268 -0.78 -0.10 -11.89
C TRP A 268 -1.10 -0.61 -10.49
N GLY A 269 -0.63 -1.81 -10.18
CA GLY A 269 -0.87 -2.32 -8.85
C GLY A 269 -0.45 -3.75 -8.63
N GLY A 270 -0.65 -4.20 -7.39
CA GLY A 270 -0.30 -5.55 -7.00
C GLY A 270 -0.88 -5.89 -5.65
N TRP A 271 -0.85 -7.18 -5.31
CA TRP A 271 -1.39 -7.68 -4.05
C TRP A 271 -0.71 -7.14 -2.78
N GLY A 272 0.60 -6.99 -2.83
CA GLY A 272 1.35 -6.58 -1.65
C GLY A 272 1.06 -5.27 -0.95
N TYR A 273 0.79 -5.32 0.35
CA TYR A 273 0.58 -4.11 1.14
C TYR A 273 1.99 -3.66 1.47
N SER A 274 2.37 -2.51 0.95
CA SER A 274 3.73 -2.00 1.18
C SER A 274 3.71 -0.82 2.13
N TYR A 275 4.50 -0.89 3.20
CA TYR A 275 4.55 0.24 4.11
C TYR A 275 5.28 1.39 3.45
N THR A 276 6.23 1.06 2.60
CA THR A 276 6.97 2.08 1.89
C THR A 276 6.07 2.83 0.92
N MET A 277 5.26 2.11 0.16
CA MET A 277 4.37 2.77 -0.79
C MET A 277 3.31 3.60 -0.06
N LYS A 278 2.87 3.12 1.10
CA LYS A 278 1.88 3.82 1.91
C LYS A 278 2.50 5.15 2.30
N GLU A 279 3.74 5.09 2.75
CA GLU A 279 4.44 6.30 3.16
C GLU A 279 4.61 7.29 2.01
N ALA A 280 4.90 6.78 0.83
CA ALA A 280 5.07 7.65 -0.32
C ALA A 280 3.75 8.32 -0.72
N PHE A 281 2.68 7.54 -0.74
CA PHE A 281 1.38 8.10 -1.08
C PHE A 281 0.95 9.12 -0.05
N ASP A 282 1.19 8.82 1.23
CA ASP A 282 0.81 9.73 2.29
C ASP A 282 1.67 11.00 2.26
N TYR A 283 2.93 10.86 1.85
CA TYR A 283 3.84 12.00 1.71
C TYR A 283 3.28 12.95 0.66
N ALA A 284 2.91 12.38 -0.49
CA ALA A 284 2.38 13.22 -1.53
C ALA A 284 1.09 13.93 -1.08
N MET A 285 0.17 13.19 -0.46
CA MET A 285 -1.10 13.80 -0.03
C MET A 285 -0.88 14.86 1.07
N GLU A 286 0.10 14.64 1.92
CA GLU A 286 0.41 15.60 2.98
C GLU A 286 0.94 16.90 2.37
N HIS A 287 1.50 16.79 1.18
CA HIS A 287 2.02 17.95 0.46
C HIS A 287 0.90 18.52 -0.44
N GLY A 288 -0.31 17.99 -0.26
CA GLY A 288 -1.46 18.47 -1.02
C GLY A 288 -1.64 17.90 -2.41
N VAL A 289 -0.94 16.82 -2.75
CA VAL A 289 -1.08 16.24 -4.09
C VAL A 289 -2.21 15.23 -4.12
N VAL A 290 -3.01 15.29 -5.18
CA VAL A 290 -4.14 14.39 -5.38
C VAL A 290 -3.62 13.16 -6.10
N MET A 291 -4.03 11.98 -5.65
CA MET A 291 -3.57 10.73 -6.26
C MET A 291 -4.76 9.99 -6.88
N VAL A 292 -4.78 9.94 -8.21
CA VAL A 292 -5.85 9.27 -8.98
C VAL A 292 -5.31 7.89 -9.36
N VAL A 293 -6.06 6.85 -9.03
CA VAL A 293 -5.62 5.48 -9.33
C VAL A 293 -6.73 4.72 -10.00
N SER A 294 -6.40 4.00 -11.06
CA SER A 294 -7.44 3.24 -11.74
C SER A 294 -7.87 2.05 -10.88
N ALA A 295 -9.14 1.70 -10.96
CA ALA A 295 -9.69 0.53 -10.26
C ALA A 295 -9.08 -0.69 -10.93
N GLY A 296 -9.19 -1.86 -10.29
CA GLY A 296 -8.63 -3.08 -10.84
C GLY A 296 -8.88 -3.36 -12.32
N ASN A 297 -8.13 -4.31 -12.86
CA ASN A 297 -8.22 -4.69 -14.27
C ASN A 297 -9.26 -5.76 -14.58
N ASN A 298 -9.55 -6.60 -13.58
CA ASN A 298 -10.53 -7.66 -13.74
C ASN A 298 -10.63 -8.50 -12.48
N THR A 299 -11.28 -9.65 -12.59
CA THR A 299 -11.45 -10.55 -11.45
C THR A 299 -10.37 -11.62 -11.45
N SER A 300 -10.16 -12.28 -12.60
CA SER A 300 -9.14 -13.30 -12.72
C SER A 300 -7.85 -12.85 -12.04
N ASP A 301 -7.57 -11.56 -12.14
CA ASP A 301 -6.38 -10.98 -11.53
C ASP A 301 -6.79 -10.20 -10.28
N SER A 302 -7.05 -10.94 -9.20
CA SER A 302 -7.47 -10.34 -7.92
C SER A 302 -6.35 -9.55 -7.26
N HIS A 303 -5.44 -9.03 -8.08
CA HIS A 303 -4.32 -8.23 -7.57
C HIS A 303 -4.63 -6.74 -7.70
N HIS A 304 -3.62 -5.94 -8.01
CA HIS A 304 -3.80 -4.50 -8.14
C HIS A 304 -4.54 -3.91 -6.93
N GLN A 305 -4.50 -4.60 -5.80
CA GLN A 305 -5.13 -4.11 -4.60
C GLN A 305 -4.44 -2.79 -4.21
N TYR A 306 -3.11 -2.74 -4.27
CA TYR A 306 -2.37 -1.51 -3.93
C TYR A 306 -1.54 -0.99 -5.09
N PRO A 307 -1.40 0.36 -5.22
CA PRO A 307 -1.92 1.43 -4.37
C PRO A 307 -3.40 1.80 -4.36
N ALA A 308 -4.23 1.22 -5.21
CA ALA A 308 -5.66 1.57 -5.23
C ALA A 308 -6.33 1.48 -3.86
N GLY A 309 -5.91 0.49 -3.06
CA GLY A 309 -6.49 0.27 -1.74
C GLY A 309 -6.06 1.18 -0.61
N TYR A 310 -5.10 2.08 -0.84
CA TYR A 310 -4.69 2.97 0.25
C TYR A 310 -5.75 4.05 0.47
N PRO A 311 -6.09 4.35 1.73
CA PRO A 311 -7.10 5.38 1.96
C PRO A 311 -6.68 6.75 1.49
N GLY A 312 -7.64 7.46 0.89
CA GLY A 312 -7.37 8.81 0.42
C GLY A 312 -7.24 9.00 -1.09
N VAL A 313 -6.89 7.95 -1.80
CA VAL A 313 -6.76 8.05 -3.25
C VAL A 313 -8.14 8.15 -3.89
N ILE A 314 -8.17 8.63 -5.12
CA ILE A 314 -9.42 8.73 -5.87
C ILE A 314 -9.38 7.54 -6.83
N GLN A 315 -10.15 6.51 -6.55
CA GLN A 315 -10.16 5.31 -7.40
C GLN A 315 -11.18 5.49 -8.52
N VAL A 316 -10.78 5.19 -9.75
CA VAL A 316 -11.63 5.41 -10.91
C VAL A 316 -12.04 4.18 -11.70
N ALA A 317 -13.33 4.06 -11.98
CA ALA A 317 -13.84 2.94 -12.76
C ALA A 317 -13.99 3.33 -14.22
N ALA A 318 -13.97 2.34 -15.10
CA ALA A 318 -14.12 2.56 -16.53
C ALA A 318 -15.59 2.49 -16.94
N LEU A 319 -16.04 3.47 -17.70
CA LEU A 319 -17.42 3.51 -18.18
C LEU A 319 -17.50 3.37 -19.69
N ASP A 320 -18.54 2.66 -20.14
CA ASP A 320 -18.81 2.44 -21.55
C ASP A 320 -20.18 3.11 -21.75
N TYR A 321 -20.65 3.19 -22.99
CA TYR A 321 -21.96 3.75 -23.23
C TYR A 321 -22.55 2.93 -24.36
N TYR A 322 -23.72 2.35 -24.13
CA TYR A 322 -24.35 1.52 -25.15
C TYR A 322 -25.83 1.41 -24.82
N GLY A 323 -26.66 1.32 -25.85
CA GLY A 323 -28.09 1.21 -25.60
C GLY A 323 -28.66 2.43 -24.89
N GLY A 324 -28.08 3.59 -25.16
CA GLY A 324 -28.55 4.82 -24.56
C GLY A 324 -28.31 5.00 -23.08
N THR A 325 -27.39 4.23 -22.51
CA THR A 325 -27.08 4.36 -21.08
C THR A 325 -25.60 4.12 -20.80
N PHE A 326 -25.10 4.80 -19.77
CA PHE A 326 -23.73 4.58 -19.38
C PHE A 326 -23.75 3.27 -18.62
N ARG A 327 -22.61 2.59 -18.55
CA ARG A 327 -22.52 1.33 -17.83
C ARG A 327 -21.06 1.04 -17.53
N VAL A 328 -20.81 0.27 -16.47
CA VAL A 328 -19.44 -0.09 -16.12
C VAL A 328 -18.89 -0.94 -17.25
N ALA A 329 -17.65 -0.68 -17.65
CA ALA A 329 -17.03 -1.42 -18.76
C ALA A 329 -17.06 -2.93 -18.63
N GLY A 330 -17.10 -3.42 -17.40
CA GLY A 330 -17.13 -4.85 -17.17
C GLY A 330 -15.83 -5.37 -16.62
N PHE A 331 -14.74 -5.03 -17.29
CA PHE A 331 -13.42 -5.44 -16.86
C PHE A 331 -13.00 -4.59 -15.66
N SER A 332 -13.80 -3.58 -15.35
CA SER A 332 -13.52 -2.68 -14.23
C SER A 332 -13.82 -3.40 -12.91
N SER A 333 -12.81 -3.54 -12.06
CA SER A 333 -12.99 -4.23 -10.79
C SER A 333 -13.98 -3.52 -9.87
N ARG A 334 -14.97 -4.29 -9.40
CA ARG A 334 -16.00 -3.78 -8.51
C ARG A 334 -15.44 -3.69 -7.09
N SER A 335 -15.54 -2.52 -6.49
CA SER A 335 -15.04 -2.30 -5.13
C SER A 335 -15.72 -1.10 -4.49
N ASP A 336 -15.95 -1.21 -3.18
CA ASP A 336 -16.59 -0.11 -2.46
C ASP A 336 -15.70 1.13 -2.47
N GLY A 337 -14.43 0.96 -2.83
CA GLY A 337 -13.50 2.07 -2.86
C GLY A 337 -13.59 2.98 -4.08
N VAL A 338 -14.35 2.58 -5.08
CA VAL A 338 -14.48 3.39 -6.29
C VAL A 338 -15.17 4.72 -5.99
N SER A 339 -14.55 5.83 -6.39
CA SER A 339 -15.14 7.15 -6.16
C SER A 339 -16.07 7.53 -7.31
N VAL A 340 -15.55 7.48 -8.53
CA VAL A 340 -16.33 7.84 -9.71
C VAL A 340 -15.89 7.02 -10.93
N GLY A 341 -16.68 7.09 -11.99
CA GLY A 341 -16.31 6.40 -13.22
C GLY A 341 -16.09 7.47 -14.28
N ALA A 342 -15.40 7.11 -15.35
CA ALA A 342 -15.16 8.06 -16.43
C ALA A 342 -15.08 7.26 -17.72
N PRO A 343 -15.16 7.94 -18.88
CA PRO A 343 -15.08 7.27 -20.18
C PRO A 343 -13.83 6.39 -20.25
N GLY A 344 -14.00 5.11 -20.59
CA GLY A 344 -12.88 4.20 -20.63
C GLY A 344 -12.96 3.17 -21.74
N VAL A 345 -13.75 3.47 -22.76
CA VAL A 345 -13.88 2.56 -23.90
C VAL A 345 -13.84 3.42 -25.15
N THR A 346 -13.11 2.98 -26.18
CA THR A 346 -13.00 3.72 -27.43
C THR A 346 -12.48 5.13 -27.20
N ILE A 347 -11.37 5.22 -26.48
CA ILE A 347 -10.74 6.50 -26.18
C ILE A 347 -9.57 6.72 -27.13
N LEU A 348 -9.74 7.71 -28.00
CA LEU A 348 -8.74 8.08 -28.99
C LEU A 348 -7.70 9.00 -28.35
N SER A 349 -6.42 8.65 -28.48
CA SER A 349 -5.36 9.48 -27.93
C SER A 349 -4.03 9.23 -28.62
N THR A 350 -3.03 10.00 -28.18
CA THR A 350 -1.67 9.94 -28.70
C THR A 350 -0.92 8.66 -28.31
N VAL A 351 -0.17 8.08 -29.25
CA VAL A 351 0.67 6.94 -28.93
C VAL A 351 2.03 7.26 -29.54
N PRO A 352 3.10 6.65 -29.02
CA PRO A 352 4.44 6.93 -29.56
C PRO A 352 4.53 6.65 -31.05
N GLY A 353 5.31 7.45 -31.75
CA GLY A 353 5.47 7.27 -33.19
C GLY A 353 6.21 5.98 -33.56
N GLU A 354 6.13 5.60 -34.84
CA GLU A 354 6.76 4.38 -35.33
C GLU A 354 8.20 4.19 -34.93
N ASP A 355 8.99 5.26 -34.93
CA ASP A 355 10.40 5.16 -34.56
C ASP A 355 10.68 5.63 -33.14
N SER A 356 9.65 5.71 -32.32
CA SER A 356 9.81 6.12 -30.93
C SER A 356 10.14 4.90 -30.08
N ILE A 357 10.72 5.14 -28.90
CA ILE A 357 11.12 4.05 -28.00
C ILE A 357 9.99 3.09 -27.66
N GLY A 358 8.87 3.65 -27.23
CA GLY A 358 7.74 2.81 -26.84
C GLY A 358 6.67 2.49 -27.87
N TYR A 359 7.00 2.52 -29.16
CA TYR A 359 6.02 2.18 -30.18
C TYR A 359 5.38 0.79 -29.99
N GLU A 360 4.05 0.74 -30.06
CA GLU A 360 3.30 -0.52 -29.92
C GLU A 360 2.18 -0.57 -30.95
N GLY A 361 2.41 0.09 -32.08
CA GLY A 361 1.41 0.13 -33.15
C GLY A 361 0.56 1.39 -33.06
N HIS A 362 -0.25 1.63 -34.07
CA HIS A 362 -1.13 2.78 -34.09
C HIS A 362 -2.21 2.52 -35.13
N ASN A 363 -3.29 3.30 -35.08
CA ASN A 363 -4.36 3.11 -36.06
C ASN A 363 -4.09 4.07 -37.23
N GLU A 364 -3.68 3.52 -38.36
CA GLU A 364 -3.33 4.32 -39.53
C GLU A 364 -4.49 5.07 -40.20
N ASN A 365 -5.71 4.74 -39.82
CA ASN A 365 -6.88 5.37 -40.41
C ASN A 365 -7.26 6.72 -39.79
N VAL A 366 -6.68 7.03 -38.63
CA VAL A 366 -6.97 8.30 -37.97
C VAL A 366 -6.57 9.46 -38.88
N PRO A 367 -7.56 10.27 -39.30
CA PRO A 367 -7.32 11.40 -40.19
C PRO A 367 -6.62 12.64 -39.61
N ALA A 368 -5.51 12.43 -38.90
CA ALA A 368 -4.75 13.53 -38.32
C ALA A 368 -3.89 14.17 -39.42
N THR A 369 -3.62 15.46 -39.32
CA THR A 369 -2.82 16.11 -40.35
C THR A 369 -1.52 16.69 -39.79
N ASN A 370 -1.10 16.19 -38.63
CA ASN A 370 0.11 16.69 -37.99
C ASN A 370 1.24 15.68 -37.99
N GLY A 371 1.04 14.58 -38.72
CA GLY A 371 2.04 13.55 -38.80
C GLY A 371 2.13 12.69 -37.54
N GLY A 372 1.22 12.92 -36.60
CA GLY A 372 1.24 12.13 -35.37
C GLY A 372 0.52 10.80 -35.44
N THR A 373 0.83 9.92 -34.48
CA THR A 373 0.24 8.59 -34.39
C THR A 373 -0.77 8.53 -33.26
N TYR A 374 -1.90 7.87 -33.51
CA TYR A 374 -2.98 7.78 -32.53
C TYR A 374 -3.56 6.39 -32.52
N ASP A 375 -4.27 6.06 -31.44
CA ASP A 375 -4.94 4.76 -31.38
C ASP A 375 -6.08 4.85 -30.39
N TYR A 376 -7.01 3.92 -30.53
CA TYR A 376 -8.18 3.84 -29.67
C TYR A 376 -7.96 2.72 -28.65
N TYR A 377 -8.04 3.07 -27.37
CA TYR A 377 -7.85 2.10 -26.29
C TYR A 377 -9.08 1.99 -25.40
N GLN A 378 -9.11 0.93 -24.62
CA GLN A 378 -10.18 0.70 -23.66
C GLN A 378 -9.51 0.19 -22.39
N GLY A 379 -10.11 0.49 -21.25
CA GLY A 379 -9.57 0.02 -19.99
C GLY A 379 -9.72 1.04 -18.90
N THR A 380 -9.56 0.59 -17.65
CA THR A 380 -9.65 1.51 -16.54
C THR A 380 -8.50 2.51 -16.65
N SER A 381 -7.42 2.14 -17.35
CA SER A 381 -6.29 3.05 -17.49
C SER A 381 -6.64 4.19 -18.45
N MET A 382 -7.73 4.02 -19.21
CA MET A 382 -8.17 5.06 -20.13
C MET A 382 -9.17 5.98 -19.39
N ALA A 383 -9.76 5.47 -18.32
CA ALA A 383 -10.74 6.25 -17.56
C ALA A 383 -10.04 7.19 -16.57
N ALA A 384 -9.05 6.66 -15.85
CA ALA A 384 -8.35 7.47 -14.87
C ALA A 384 -7.82 8.81 -15.40
N PRO A 385 -7.20 8.83 -16.59
CA PRO A 385 -6.71 10.11 -17.10
C PRO A 385 -7.79 11.17 -17.28
N HIS A 386 -9.03 10.73 -17.51
CA HIS A 386 -10.09 11.73 -17.65
C HIS A 386 -10.27 12.40 -16.30
N VAL A 387 -10.23 11.61 -15.23
CA VAL A 387 -10.39 12.17 -13.89
C VAL A 387 -9.17 13.01 -13.52
N THR A 388 -7.97 12.54 -13.86
CA THR A 388 -6.78 13.33 -13.55
C THR A 388 -6.88 14.69 -14.24
N GLY A 389 -7.40 14.68 -15.47
CA GLY A 389 -7.57 15.92 -16.21
C GLY A 389 -8.59 16.84 -15.55
N VAL A 390 -9.68 16.26 -15.07
CA VAL A 390 -10.71 17.05 -14.40
C VAL A 390 -10.10 17.67 -13.14
N VAL A 391 -9.34 16.87 -12.38
CA VAL A 391 -8.70 17.41 -11.17
C VAL A 391 -7.77 18.58 -11.51
N ALA A 392 -7.00 18.45 -12.59
CA ALA A 392 -6.10 19.54 -12.96
C ALA A 392 -6.85 20.83 -13.24
N VAL A 393 -7.98 20.73 -13.92
CA VAL A 393 -8.80 21.92 -14.23
C VAL A 393 -9.34 22.50 -12.90
N LEU A 394 -9.82 21.63 -12.01
CA LEU A 394 -10.34 22.10 -10.73
C LEU A 394 -9.29 22.78 -9.87
N LEU A 395 -8.04 22.29 -9.92
CA LEU A 395 -6.99 22.89 -9.10
C LEU A 395 -6.66 24.30 -9.55
N GLN A 396 -6.99 24.63 -10.80
CA GLN A 396 -6.76 25.99 -11.27
C GLN A 396 -7.79 26.89 -10.63
N LYS A 397 -9.04 26.44 -10.61
CA LYS A 397 -10.11 27.25 -10.03
C LYS A 397 -10.14 27.29 -8.51
N PHE A 398 -9.73 26.21 -7.87
CA PHE A 398 -9.74 26.11 -6.40
C PHE A 398 -8.32 25.79 -5.97
N PRO A 399 -7.41 26.78 -6.08
CA PRO A 399 -6.02 26.55 -5.71
C PRO A 399 -5.77 26.13 -4.28
N ASN A 400 -6.68 26.46 -3.37
CA ASN A 400 -6.46 26.07 -1.99
C ASN A 400 -7.11 24.75 -1.58
N ALA A 401 -7.65 24.01 -2.54
CA ALA A 401 -8.30 22.74 -2.20
C ALA A 401 -7.38 21.69 -1.59
N LYS A 402 -7.91 20.98 -0.60
CA LYS A 402 -7.18 19.88 0.02
C LYS A 402 -7.62 18.67 -0.77
N PRO A 403 -6.81 17.60 -0.79
CA PRO A 403 -7.23 16.44 -1.56
C PRO A 403 -8.63 15.89 -1.29
N TRP A 404 -9.05 15.81 -0.03
CA TRP A 404 -10.38 15.30 0.24
C TRP A 404 -11.46 16.21 -0.36
N GLN A 405 -11.18 17.51 -0.44
CA GLN A 405 -12.16 18.42 -1.00
C GLN A 405 -12.34 18.18 -2.48
N ILE A 406 -11.24 17.91 -3.17
CA ILE A 406 -11.31 17.62 -4.60
C ILE A 406 -12.10 16.34 -4.81
N ARG A 407 -11.79 15.30 -4.03
CA ARG A 407 -12.51 14.06 -4.21
C ARG A 407 -14.00 14.24 -3.91
N LYS A 408 -14.32 14.91 -2.81
CA LYS A 408 -15.74 15.08 -2.49
C LYS A 408 -16.46 15.91 -3.53
N LEU A 409 -15.78 16.88 -4.14
CA LEU A 409 -16.42 17.71 -5.15
C LEU A 409 -16.80 16.82 -6.32
N LEU A 410 -15.87 15.93 -6.71
CA LEU A 410 -16.17 15.02 -7.82
C LEU A 410 -17.35 14.11 -7.51
N GLU A 411 -17.38 13.55 -6.30
CA GLU A 411 -18.44 12.64 -5.92
C GLU A 411 -19.78 13.35 -5.77
N ASN A 412 -19.75 14.57 -5.23
CA ASN A 412 -20.97 15.34 -5.05
C ASN A 412 -21.60 15.81 -6.36
N THR A 413 -20.80 15.90 -7.42
CA THR A 413 -21.31 16.39 -8.70
C THR A 413 -21.41 15.35 -9.82
N ALA A 414 -21.08 14.10 -9.48
CA ALA A 414 -21.12 13.03 -10.48
C ALA A 414 -22.55 12.79 -10.93
N PHE A 415 -22.69 12.37 -12.18
CA PHE A 415 -24.01 12.07 -12.74
C PHE A 415 -24.35 10.65 -12.34
N ASP A 416 -25.46 10.52 -11.62
CA ASP A 416 -25.92 9.23 -11.16
C ASP A 416 -26.74 8.60 -12.28
N PHE A 417 -26.07 7.99 -13.24
CA PHE A 417 -26.76 7.39 -14.37
C PHE A 417 -27.60 6.16 -14.02
N ASN A 418 -27.20 5.45 -12.98
CA ASN A 418 -27.95 4.26 -12.55
C ASN A 418 -29.19 4.62 -11.74
N GLY A 419 -29.17 5.77 -11.09
CA GLY A 419 -30.31 6.21 -10.30
C GLY A 419 -30.29 5.76 -8.85
N ASN A 420 -29.33 4.90 -8.51
CA ASN A 420 -29.19 4.38 -7.15
C ASN A 420 -28.34 5.30 -6.26
N GLY A 421 -27.75 6.34 -6.83
CA GLY A 421 -26.95 7.25 -6.03
C GLY A 421 -25.49 6.85 -5.84
N TRP A 422 -25.27 5.59 -5.47
CA TRP A 422 -23.92 5.06 -5.24
C TRP A 422 -23.93 3.54 -5.32
N ASP A 423 -22.87 2.96 -5.88
CA ASP A 423 -22.72 1.51 -5.98
C ASP A 423 -21.24 1.13 -6.10
N HIS A 424 -20.93 -0.16 -5.87
CA HIS A 424 -19.56 -0.66 -5.92
C HIS A 424 -18.95 -0.70 -7.31
N ASP A 425 -19.77 -0.53 -8.34
CA ASP A 425 -19.27 -0.58 -9.70
C ASP A 425 -18.68 0.73 -10.19
N THR A 426 -19.45 1.80 -10.01
CA THR A 426 -19.03 3.12 -10.49
C THR A 426 -19.02 4.19 -9.43
N GLY A 427 -19.05 3.79 -8.16
CA GLY A 427 -19.05 4.79 -7.10
C GLY A 427 -20.27 5.70 -7.24
N TYR A 428 -20.06 7.00 -7.15
CA TYR A 428 -21.17 7.96 -7.23
C TYR A 428 -21.65 8.30 -8.64
N GLY A 429 -21.02 7.71 -9.65
CA GLY A 429 -21.43 7.96 -11.02
C GLY A 429 -20.38 8.49 -11.96
N LEU A 430 -20.82 9.02 -13.09
CA LEU A 430 -19.96 9.60 -14.11
C LEU A 430 -19.40 10.94 -13.66
N VAL A 431 -18.07 11.09 -13.74
CA VAL A 431 -17.45 12.36 -13.36
C VAL A 431 -17.96 13.46 -14.32
N LYS A 432 -18.27 14.63 -13.78
CA LYS A 432 -18.76 15.74 -14.56
C LYS A 432 -17.94 17.00 -14.28
N LEU A 433 -17.12 17.36 -15.24
CA LEU A 433 -16.26 18.54 -15.11
C LEU A 433 -17.08 19.82 -15.02
N ASP A 434 -18.11 19.92 -15.84
CA ASP A 434 -18.90 21.14 -15.80
C ASP A 434 -19.57 21.37 -14.45
N ALA A 435 -20.21 20.34 -13.90
CA ALA A 435 -20.86 20.45 -12.59
C ALA A 435 -19.83 20.64 -11.49
N ALA A 436 -18.71 19.94 -11.59
CA ALA A 436 -17.67 20.07 -10.56
C ALA A 436 -17.08 21.48 -10.55
N LEU A 437 -16.84 22.02 -11.73
CA LEU A 437 -16.22 23.35 -11.81
C LEU A 437 -17.11 24.45 -11.22
N GLN A 438 -18.42 24.22 -11.25
CA GLN A 438 -19.36 25.19 -10.69
C GLN A 438 -19.15 25.33 -9.19
N GLY A 439 -18.75 24.23 -8.57
CA GLY A 439 -18.50 24.23 -7.15
C GLY A 439 -19.76 24.55 -6.37
N PRO A 440 -19.62 25.17 -5.19
CA PRO A 440 -18.32 25.57 -4.63
C PRO A 440 -17.58 24.35 -4.09
N LEU A 441 -16.36 24.57 -3.63
CA LEU A 441 -15.55 23.52 -3.06
C LEU A 441 -16.18 23.15 -1.71
N PRO A 442 -16.43 21.85 -1.45
CA PRO A 442 -17.04 21.43 -0.18
C PRO A 442 -16.23 21.80 1.06
N THR A 443 -16.94 22.21 2.10
CA THR A 443 -16.30 22.58 3.35
C THR A 443 -16.48 21.47 4.38
N GLN A 444 -17.31 20.48 4.05
CA GLN A 444 -17.54 19.36 4.92
C GLN A 444 -17.63 18.10 4.07
N GLY A 445 -17.54 16.94 4.73
CA GLY A 445 -17.63 15.69 4.00
C GLY A 445 -16.37 14.84 4.09
N GLY A 446 -15.29 15.42 4.59
CA GLY A 446 -14.04 14.67 4.71
C GLY A 446 -13.16 15.21 5.82
N VAL A 447 -12.08 14.50 6.12
CA VAL A 447 -11.13 14.94 7.13
C VAL A 447 -9.72 14.80 6.55
N GLU A 448 -8.83 15.71 6.93
CA GLU A 448 -7.46 15.63 6.45
C GLU A 448 -6.82 14.34 6.89
N GLU A 449 -7.14 13.91 8.11
CA GLU A 449 -6.59 12.68 8.65
C GLU A 449 -7.35 12.11 9.82
N PHE A 450 -7.56 10.80 9.77
CA PHE A 450 -8.20 10.08 10.86
C PHE A 450 -7.19 8.99 11.22
N GLN A 451 -6.97 8.75 12.50
CA GLN A 451 -6.02 7.71 12.89
C GLN A 451 -6.63 6.75 13.89
N VAL A 452 -6.21 5.49 13.83
CA VAL A 452 -6.65 4.49 14.79
C VAL A 452 -5.32 4.07 15.41
N VAL A 453 -5.21 4.24 16.73
CA VAL A 453 -3.99 3.91 17.45
C VAL A 453 -4.28 2.72 18.36
N VAL A 454 -3.63 1.59 18.09
CA VAL A 454 -3.85 0.37 18.90
C VAL A 454 -2.61 0.16 19.79
N THR A 455 -2.83 0.00 21.09
CA THR A 455 -1.72 -0.18 22.03
C THR A 455 -2.05 -1.33 22.96
N ASP A 456 -1.12 -1.65 23.87
CA ASP A 456 -1.37 -2.71 24.84
C ASP A 456 -2.33 -2.14 25.88
N ALA A 457 -2.67 -2.94 26.89
CA ALA A 457 -3.63 -2.53 27.92
C ALA A 457 -3.38 -1.18 28.60
N LYS A 458 -2.13 -0.93 29.00
CA LYS A 458 -1.77 0.31 29.68
C LYS A 458 -1.41 1.43 28.70
N GLY A 459 -1.50 1.13 27.41
CA GLY A 459 -1.18 2.14 26.40
C GLY A 459 0.28 2.54 26.38
N ASN A 460 1.17 1.62 26.74
CA ASN A 460 2.59 1.90 26.75
C ASN A 460 3.27 1.60 25.42
N PHE A 461 2.82 0.57 24.71
CA PHE A 461 3.42 0.21 23.45
C PHE A 461 2.41 0.05 22.32
N GLY A 462 2.75 0.55 21.14
CA GLY A 462 1.84 0.39 20.02
C GLY A 462 1.93 -1.04 19.50
N VAL A 463 0.82 -1.57 18.99
CA VAL A 463 0.79 -2.94 18.47
C VAL A 463 0.85 -2.89 16.95
N PRO A 464 1.90 -3.46 16.37
CA PRO A 464 2.06 -3.46 14.91
C PRO A 464 1.34 -4.56 14.15
N THR A 465 1.01 -4.25 12.90
CA THR A 465 0.33 -5.16 11.97
C THR A 465 -1.09 -5.54 12.36
N VAL A 466 -1.76 -4.66 13.09
CA VAL A 466 -3.15 -4.89 13.46
C VAL A 466 -3.95 -4.35 12.28
N PHE A 467 -4.93 -5.12 11.82
CA PHE A 467 -5.76 -4.70 10.70
C PHE A 467 -6.85 -3.77 11.21
N VAL A 468 -7.13 -2.71 10.45
CA VAL A 468 -8.16 -1.78 10.84
C VAL A 468 -9.05 -1.61 9.63
N SER A 469 -10.31 -2.02 9.80
CA SER A 469 -11.29 -1.97 8.73
C SER A 469 -12.41 -1.00 9.08
N MET A 470 -12.63 0.00 8.23
CA MET A 470 -13.71 0.98 8.48
C MET A 470 -14.81 0.62 7.50
N MET A 471 -15.88 0.04 8.01
CA MET A 471 -16.97 -0.42 7.17
C MET A 471 -18.26 0.36 7.38
N ARG A 472 -19.12 0.33 6.37
CA ARG A 472 -20.42 0.99 6.43
C ARG A 472 -21.29 0.43 5.31
N ASP A 473 -22.60 0.55 5.48
CA ASP A 473 -23.57 0.02 4.51
C ASP A 473 -23.43 0.58 3.12
N ASN A 474 -23.13 1.88 3.03
CA ASN A 474 -22.95 2.51 1.75
C ASN A 474 -21.73 3.42 1.80
N GLY A 475 -21.20 3.78 0.64
CA GLY A 475 -20.04 4.63 0.64
C GLY A 475 -18.81 3.75 0.68
N SER A 476 -17.61 4.41 0.51
CA SER A 476 -16.36 3.68 0.51
C SER A 476 -15.94 3.16 1.87
N CYS A 477 -15.41 1.91 1.88
CA CYS A 477 -14.88 1.35 3.11
C CYS A 477 -13.38 1.64 3.03
N TYR A 478 -12.69 1.59 4.15
CA TYR A 478 -11.26 1.86 4.16
C TYR A 478 -10.53 0.78 4.92
N TYR A 479 -9.25 0.60 4.62
CA TYR A 479 -8.47 -0.42 5.29
C TYR A 479 -7.02 0.02 5.43
N ALA A 480 -6.40 -0.32 6.54
CA ALA A 480 -4.99 -0.01 6.77
C ALA A 480 -4.46 -0.90 7.90
N LYS A 481 -3.15 -1.08 7.91
CA LYS A 481 -2.53 -1.90 8.95
C LYS A 481 -1.72 -1.00 9.87
N THR A 482 -1.72 -1.27 11.17
CA THR A 482 -0.95 -0.42 12.07
C THR A 482 0.54 -0.61 11.84
N GLY A 483 1.29 0.49 11.98
CA GLY A 483 2.72 0.43 11.81
C GLY A 483 3.39 0.10 13.14
N PRO A 484 4.74 0.23 13.21
CA PRO A 484 5.46 -0.07 14.45
C PRO A 484 4.99 0.68 15.69
N ASP A 485 4.39 1.85 15.51
CA ASP A 485 3.92 2.61 16.65
C ASP A 485 2.44 2.39 16.94
N GLY A 486 1.86 1.38 16.29
CA GLY A 486 0.47 1.05 16.51
C GLY A 486 -0.53 1.96 15.81
N ILE A 487 -0.04 2.82 14.93
CA ILE A 487 -0.94 3.73 14.26
C ILE A 487 -1.32 3.33 12.84
N ALA A 488 -2.61 3.38 12.53
CA ALA A 488 -3.10 3.10 11.19
C ALA A 488 -3.64 4.48 10.81
N ARG A 489 -3.10 5.05 9.75
CA ARG A 489 -3.47 6.40 9.31
C ARG A 489 -4.38 6.36 8.10
N PHE A 490 -5.41 7.21 8.13
CA PHE A 490 -6.38 7.30 7.04
C PHE A 490 -6.45 8.75 6.56
N PRO A 491 -5.65 9.12 5.56
CA PRO A 491 -5.69 10.50 5.08
C PRO A 491 -6.78 10.81 4.09
N HIS A 492 -7.34 12.01 4.23
CA HIS A 492 -8.35 12.50 3.31
C HIS A 492 -9.50 11.58 3.01
N ILE A 493 -10.00 10.91 4.06
CA ILE A 493 -11.14 10.02 3.92
C ILE A 493 -12.42 10.79 4.26
N ASP A 494 -13.56 10.19 3.96
CA ASP A 494 -14.86 10.79 4.25
C ASP A 494 -15.11 10.95 5.75
N SER A 495 -15.83 12.01 6.10
CA SER A 495 -16.23 12.17 7.50
C SER A 495 -17.55 11.36 7.50
N GLY A 496 -18.04 11.00 8.67
CA GLY A 496 -19.28 10.24 8.75
C GLY A 496 -19.23 9.10 9.75
N THR A 497 -20.26 8.25 9.70
CA THR A 497 -20.38 7.13 10.62
C THR A 497 -19.88 5.81 10.02
N TYR A 498 -19.04 5.12 10.78
CA TYR A 498 -18.46 3.86 10.37
C TYR A 498 -18.52 2.82 11.46
N ASP A 499 -18.44 1.58 11.02
CA ASP A 499 -18.36 0.47 11.94
C ASP A 499 -16.89 0.12 11.76
N ILE A 500 -16.13 0.26 12.81
CA ILE A 500 -14.69 0.02 12.75
C ILE A 500 -14.30 -1.26 13.46
N PHE A 501 -13.65 -2.17 12.72
CA PHE A 501 -13.19 -3.44 13.26
C PHE A 501 -11.68 -3.48 13.28
N VAL A 502 -11.11 -3.91 14.40
CA VAL A 502 -9.67 -3.98 14.58
C VAL A 502 -9.29 -5.43 14.91
N GLY A 503 -8.28 -5.97 14.22
CA GLY A 503 -7.88 -7.35 14.47
C GLY A 503 -6.42 -7.54 14.84
N GLY A 504 -6.20 -8.25 15.95
CA GLY A 504 -4.90 -8.55 16.56
C GLY A 504 -3.71 -8.65 15.65
N PRO A 505 -2.49 -8.75 16.19
CA PRO A 505 -1.36 -8.83 15.25
C PRO A 505 -1.59 -9.91 14.22
N ASP A 506 -1.06 -9.63 13.04
CA ASP A 506 -1.21 -10.55 11.92
C ASP A 506 -0.28 -11.74 12.09
N HIS A 507 -0.89 -13.01 12.22
CA HIS A 507 -0.07 -14.20 12.39
C HIS A 507 0.08 -14.89 11.04
N TRP A 508 0.81 -14.27 10.12
CA TRP A 508 1.01 -14.82 8.77
C TRP A 508 2.14 -15.82 8.69
N ASP A 509 2.95 -15.87 9.75
CA ASP A 509 4.10 -16.75 9.84
C ASP A 509 3.61 -18.12 10.31
N ARG A 510 2.89 -18.80 9.42
CA ARG A 510 2.34 -20.12 9.72
C ARG A 510 3.42 -21.10 10.16
N ALA A 511 2.99 -22.24 10.69
CA ALA A 511 3.92 -23.27 11.16
C ALA A 511 3.48 -24.64 10.65
N LEU A 512 2.96 -24.68 9.43
CA LEU A 512 2.48 -25.93 8.83
C LEU A 512 2.70 -25.93 7.31
N ALA A 513 3.33 -27.00 6.81
CA ALA A 513 3.60 -27.14 5.39
C ALA A 513 2.34 -26.89 4.56
N PRO A 514 2.46 -25.99 3.58
CA PRO A 514 1.33 -25.63 2.71
C PRO A 514 0.70 -26.88 2.10
N TYR A 515 1.51 -27.87 1.79
CA TYR A 515 1.04 -29.12 1.20
C TYR A 515 0.37 -30.00 2.24
N ASP A 516 -0.22 -29.36 3.25
CA ASP A 516 -0.90 -30.07 4.33
C ASP A 516 0.06 -30.93 5.15
N GLY A 517 0.74 -30.30 6.11
CA GLY A 517 1.68 -31.01 6.97
C GLY A 517 2.14 -30.10 8.12
N GLU A 518 3.04 -30.63 8.95
CA GLU A 518 3.56 -29.89 10.09
C GLU A 518 4.84 -29.13 9.73
N SER A 519 5.01 -27.95 10.31
CA SER A 519 6.19 -27.13 10.06
C SER A 519 6.60 -26.36 11.31
N ILE A 520 7.23 -25.20 11.12
CA ILE A 520 7.70 -24.38 12.23
C ILE A 520 7.74 -22.91 11.80
N PRO A 521 7.35 -21.99 12.70
CA PRO A 521 7.35 -20.56 12.36
C PRO A 521 8.78 -20.08 12.14
N GLY A 522 8.93 -19.10 11.24
CA GLY A 522 10.25 -18.58 10.97
C GLY A 522 10.61 -17.52 11.99
N GLY A 523 9.59 -16.99 12.66
CA GLY A 523 9.80 -15.95 13.65
C GLY A 523 9.80 -14.60 12.95
N TYR A 524 8.98 -14.45 11.92
CA TYR A 524 8.93 -13.19 11.17
C TYR A 524 7.73 -12.32 11.53
N ALA A 525 6.60 -12.95 11.80
CA ALA A 525 5.39 -12.23 12.16
C ALA A 525 5.47 -11.68 13.58
N ILE A 526 4.60 -10.75 13.92
CA ILE A 526 4.60 -10.19 15.25
C ILE A 526 4.12 -11.23 16.24
N ALA A 527 3.06 -11.94 15.86
CA ALA A 527 2.47 -12.99 16.69
C ALA A 527 2.67 -14.30 15.97
N LEU A 528 2.92 -15.36 16.74
CA LEU A 528 3.14 -16.67 16.17
C LEU A 528 1.92 -17.58 16.19
N ARG A 529 0.88 -17.17 16.93
CA ARG A 529 -0.31 -17.99 17.08
C ARG A 529 -1.64 -17.24 16.94
N MET A 530 -2.62 -17.90 16.33
CA MET A 530 -3.94 -17.30 16.16
C MET A 530 -4.52 -16.97 17.54
N ALA A 531 -4.18 -17.78 18.54
CA ALA A 531 -4.67 -17.56 19.89
C ALA A 531 -4.24 -16.23 20.49
N GLU A 532 -3.21 -15.61 19.93
CA GLU A 532 -2.71 -14.34 20.43
C GLU A 532 -3.44 -13.14 19.82
N GLU A 533 -4.14 -13.37 18.73
CA GLU A 533 -4.87 -12.29 18.06
C GLU A 533 -5.99 -11.76 18.98
N ARG A 534 -6.17 -10.46 18.97
CA ARG A 534 -7.21 -9.80 19.77
C ARG A 534 -8.09 -9.05 18.76
N GLN A 535 -9.34 -8.81 19.13
CA GLN A 535 -10.27 -8.10 18.26
C GLN A 535 -11.09 -7.07 19.01
N ALA A 536 -11.53 -6.04 18.30
CA ALA A 536 -12.34 -4.98 18.89
C ALA A 536 -13.23 -4.42 17.79
N SER A 537 -14.44 -4.01 18.14
CA SER A 537 -15.34 -3.45 17.17
C SER A 537 -15.95 -2.21 17.77
N PHE A 538 -16.09 -1.18 16.96
CA PHE A 538 -16.68 0.08 17.42
C PHE A 538 -17.77 0.43 16.41
N VAL A 539 -19.01 0.10 16.76
CA VAL A 539 -20.16 0.32 15.88
C VAL A 539 -20.66 1.76 15.93
N GLY A 540 -20.99 2.31 14.77
CA GLY A 540 -21.48 3.67 14.71
C GLY A 540 -20.49 4.70 15.21
N PHE A 541 -19.21 4.50 14.91
CA PHE A 541 -18.21 5.47 15.34
C PHE A 541 -18.26 6.64 14.37
N GLY A 542 -18.30 7.86 14.90
CA GLY A 542 -18.37 9.03 14.06
C GLY A 542 -17.02 9.68 13.81
N VAL A 543 -16.66 9.78 12.54
CA VAL A 543 -15.40 10.41 12.16
C VAL A 543 -15.71 11.81 11.67
N SER A 544 -14.95 12.81 12.13
CA SER A 544 -15.17 14.20 11.72
C SER A 544 -14.00 15.03 12.18
N PRO A 545 -13.98 16.33 11.85
CA PRO A 545 -12.85 17.13 12.30
C PRO A 545 -12.75 17.24 13.83
N ASP A 546 -13.83 16.87 14.52
CA ASP A 546 -13.88 16.90 15.99
C ASP A 546 -13.57 15.54 16.58
N ALA A 547 -13.45 14.52 15.73
CA ALA A 547 -13.16 13.17 16.18
C ALA A 547 -12.26 12.55 15.11
N THR A 548 -10.97 12.86 15.22
CA THR A 548 -9.97 12.43 14.26
C THR A 548 -9.08 11.28 14.70
N GLN A 549 -9.38 10.72 15.87
CA GLN A 549 -8.58 9.62 16.38
C GLN A 549 -9.39 8.66 17.21
N LEU A 550 -9.11 7.37 17.04
CA LEU A 550 -9.78 6.31 17.81
C LEU A 550 -8.64 5.54 18.47
N ASN A 551 -8.71 5.42 19.80
CA ASN A 551 -7.67 4.71 20.54
C ASN A 551 -8.23 3.36 20.96
N VAL A 552 -7.46 2.30 20.71
CA VAL A 552 -7.86 0.96 21.05
C VAL A 552 -6.81 0.35 21.99
N ASN A 553 -7.27 -0.25 23.07
CA ASN A 553 -6.36 -0.86 24.03
C ASN A 553 -6.60 -2.36 24.10
N PHE A 554 -5.64 -3.13 23.62
CA PHE A 554 -5.74 -4.58 23.64
C PHE A 554 -5.41 -5.09 25.05
N ASN A 555 -5.92 -6.27 25.37
CA ASN A 555 -5.64 -6.92 26.64
C ASN A 555 -5.63 -8.42 26.38
N SER A 556 -5.04 -9.19 27.29
CA SER A 556 -4.97 -10.63 27.13
C SER A 556 -4.84 -11.32 28.48
N THR A 557 -4.97 -12.65 28.45
CA THR A 557 -4.81 -13.45 29.66
C THR A 557 -3.81 -14.54 29.32
N LEU A 558 -2.97 -14.88 30.30
CA LEU A 558 -1.97 -15.91 30.09
C LEU A 558 -1.67 -16.60 31.40
N GLN A 559 -1.84 -17.92 31.42
CA GLN A 559 -1.55 -18.69 32.60
C GLN A 559 -0.65 -19.86 32.20
N VAL A 560 0.23 -20.28 33.09
CA VAL A 560 1.09 -21.43 32.80
C VAL A 560 1.13 -22.35 34.02
N LYS A 561 1.02 -23.65 33.77
CA LYS A 561 1.06 -24.65 34.83
C LYS A 561 1.93 -25.83 34.36
N PHE A 562 2.87 -26.28 35.20
CA PHE A 562 3.73 -27.41 34.83
C PHE A 562 3.34 -28.61 35.68
N SER A 563 3.38 -29.79 35.07
CA SER A 563 2.98 -31.03 35.73
C SER A 563 4.12 -31.97 36.13
N THR A 564 5.33 -31.68 35.64
CA THR A 564 6.48 -32.52 35.91
C THR A 564 7.03 -32.42 37.34
N ASN A 565 7.46 -33.54 37.90
CA ASN A 565 8.03 -33.53 39.25
C ASN A 565 9.52 -33.21 39.12
N LEU A 566 9.95 -32.10 39.70
CA LEU A 566 11.36 -31.69 39.63
C LEU A 566 12.02 -31.73 41.00
N SER A 567 11.54 -32.62 41.87
CA SER A 567 12.08 -32.74 43.22
C SER A 567 13.54 -33.16 43.23
N THR A 568 13.99 -33.77 42.13
CA THR A 568 15.36 -34.23 41.99
C THR A 568 16.31 -33.08 41.62
N LEU A 569 15.74 -31.93 41.32
CA LEU A 569 16.54 -30.76 40.95
C LEU A 569 16.77 -29.88 42.16
N LYS A 570 17.87 -29.14 42.15
CA LYS A 570 18.23 -28.24 43.24
C LYS A 570 17.63 -26.87 42.98
N ASP A 571 16.73 -26.45 43.86
CA ASP A 571 16.07 -25.16 43.79
C ASP A 571 15.58 -24.81 42.39
N PRO A 572 14.65 -25.58 41.84
CA PRO A 572 14.16 -25.29 40.49
C PRO A 572 13.29 -24.02 40.50
N GLN A 573 13.48 -23.19 39.49
CA GLN A 573 12.67 -21.98 39.41
C GLN A 573 12.12 -21.77 38.01
N PHE A 574 10.91 -21.24 37.97
CA PHE A 574 10.21 -20.92 36.73
C PHE A 574 10.67 -19.49 36.44
N VAL A 575 11.09 -19.26 35.19
CA VAL A 575 11.58 -17.95 34.80
C VAL A 575 10.91 -17.43 33.56
N VAL A 576 10.56 -16.15 33.58
CA VAL A 576 9.96 -15.50 32.41
C VAL A 576 11.12 -14.71 31.84
N VAL A 577 11.50 -15.03 30.62
CA VAL A 577 12.66 -14.39 30.02
C VAL A 577 12.40 -13.73 28.67
N ASP A 578 13.29 -12.81 28.31
CA ASP A 578 13.21 -12.12 27.04
C ASP A 578 13.58 -13.20 26.00
N PRO A 579 12.86 -13.25 24.87
CA PRO A 579 13.15 -14.25 23.84
C PRO A 579 14.54 -14.19 23.25
N LEU A 580 15.17 -13.02 23.36
CA LEU A 580 16.52 -12.81 22.86
C LEU A 580 17.52 -13.00 23.99
N LEU A 581 17.02 -13.40 25.15
CA LEU A 581 17.85 -13.63 26.34
C LEU A 581 18.63 -12.40 26.78
N ARG A 582 18.05 -11.22 26.59
CA ARG A 582 18.69 -9.97 26.98
C ARG A 582 18.58 -9.80 28.51
N GLY A 583 17.60 -10.46 29.09
CA GLY A 583 17.40 -10.37 30.53
C GLY A 583 16.16 -11.15 30.90
N VAL A 584 15.76 -11.08 32.17
CA VAL A 584 14.57 -11.79 32.64
C VAL A 584 13.56 -10.83 33.22
N TYR A 585 12.29 -11.22 33.18
CA TYR A 585 11.22 -10.39 33.72
C TYR A 585 10.81 -10.84 35.12
N GLY A 586 11.39 -11.95 35.57
CA GLY A 586 11.06 -12.45 36.90
C GLY A 586 11.34 -13.93 37.08
N ARG A 587 11.66 -14.31 38.32
CA ARG A 587 11.94 -15.70 38.66
C ARG A 587 11.10 -16.07 39.87
N VAL A 588 10.60 -17.30 39.91
CA VAL A 588 9.79 -17.76 41.04
C VAL A 588 10.01 -19.25 41.28
N ALA A 589 9.90 -19.68 42.53
CA ALA A 589 10.10 -21.08 42.85
C ALA A 589 9.16 -21.94 42.02
N TYR A 590 9.70 -23.04 41.51
CA TYR A 590 8.91 -23.97 40.71
C TYR A 590 8.02 -24.76 41.66
N ALA A 591 6.77 -24.92 41.26
CA ALA A 591 5.81 -25.70 42.04
C ALA A 591 4.95 -26.51 41.08
N ARG A 592 5.04 -27.83 41.18
CA ARG A 592 4.29 -28.74 40.33
C ARG A 592 2.80 -28.49 40.46
N ASN A 593 2.11 -28.43 39.31
CA ASN A 593 0.67 -28.24 39.26
C ASN A 593 0.18 -26.87 39.74
N GLN A 594 1.13 -25.96 39.97
CA GLN A 594 0.79 -24.61 40.40
C GLN A 594 0.55 -23.77 39.15
N THR A 595 -0.55 -23.02 39.14
CA THR A 595 -0.86 -22.17 37.98
C THR A 595 -0.29 -20.77 38.19
N TYR A 596 0.62 -20.36 37.31
CA TYR A 596 1.21 -19.02 37.39
C TYR A 596 0.39 -18.13 36.47
N ASP A 597 -0.09 -17.01 36.99
CA ASP A 597 -0.90 -16.08 36.20
C ASP A 597 -0.01 -14.94 35.73
N LEU A 598 0.21 -14.88 34.42
CA LEU A 598 1.05 -13.85 33.83
C LEU A 598 0.21 -12.81 33.08
N SER A 599 -1.10 -12.88 33.25
CA SER A 599 -2.02 -11.98 32.57
C SER A 599 -1.68 -10.49 32.66
N LEU A 600 -0.90 -10.10 33.66
CA LEU A 600 -0.54 -8.70 33.85
C LEU A 600 0.66 -8.28 33.00
N LEU A 601 1.41 -9.27 32.51
CA LEU A 601 2.57 -8.98 31.70
C LEU A 601 2.12 -8.58 30.30
N SER A 602 2.90 -7.72 29.67
CA SER A 602 2.62 -7.25 28.32
C SER A 602 3.87 -7.27 27.49
N GLY A 603 3.74 -7.61 26.21
CA GLY A 603 4.90 -7.65 25.34
C GLY A 603 5.12 -9.06 24.78
N GLN A 604 6.38 -9.47 24.67
CA GLN A 604 6.67 -10.79 24.15
C GLN A 604 7.66 -11.48 25.07
N ILE A 605 7.29 -12.66 25.55
CA ILE A 605 8.12 -13.40 26.50
C ILE A 605 8.33 -14.85 26.12
N SER A 606 9.27 -15.47 26.83
CA SER A 606 9.57 -16.89 26.67
C SER A 606 9.62 -17.46 28.10
N PHE A 607 9.42 -18.77 28.22
CA PHE A 607 9.39 -19.44 29.53
C PHE A 607 10.58 -20.37 29.70
N GLY A 608 11.15 -20.37 30.88
CA GLY A 608 12.27 -21.26 31.09
C GLY A 608 12.30 -21.80 32.50
N ILE A 609 13.26 -22.70 32.73
CA ILE A 609 13.45 -23.28 34.03
C ILE A 609 14.95 -23.29 34.28
N GLN A 610 15.33 -22.94 35.51
CA GLN A 610 16.73 -22.94 35.90
C GLN A 610 16.86 -23.69 37.23
N THR A 611 18.03 -24.28 37.45
CA THR A 611 18.31 -25.02 38.67
C THR A 611 19.72 -24.62 39.11
N LEU A 612 19.96 -24.61 40.43
CA LEU A 612 21.26 -24.21 40.96
C LEU A 612 22.37 -25.18 40.55
N LEU A 613 22.06 -26.47 40.56
CA LEU A 613 23.02 -27.49 40.19
C LEU A 613 22.63 -28.17 38.87
N PRO A 614 23.61 -28.56 38.06
CA PRO A 614 23.36 -29.23 36.78
C PRO A 614 22.58 -30.52 36.91
N ALA A 615 21.71 -30.78 35.93
CA ALA A 615 20.91 -31.99 35.94
C ALA A 615 21.78 -33.22 35.75
N ALA A 616 21.52 -34.24 36.57
CA ALA A 616 22.29 -35.48 36.49
C ALA A 616 21.94 -36.26 35.24
N THR A 617 20.68 -36.16 34.81
CA THR A 617 20.19 -36.88 33.63
C THR A 617 19.19 -35.98 32.89
N ASP A 618 18.93 -36.27 31.62
CA ASP A 618 17.97 -35.50 30.83
C ASP A 618 16.61 -35.58 31.52
N ILE A 619 15.91 -34.47 31.57
CA ILE A 619 14.59 -34.47 32.15
C ILE A 619 13.67 -33.63 31.29
N THR A 620 12.58 -34.24 30.84
CA THR A 620 11.60 -33.53 30.02
C THR A 620 10.62 -32.85 30.96
N ILE A 621 10.41 -31.56 30.77
CA ILE A 621 9.50 -30.80 31.62
C ILE A 621 8.28 -30.47 30.76
N GLN A 622 7.09 -30.74 31.27
CA GLN A 622 5.87 -30.49 30.50
C GLN A 622 4.89 -29.60 31.25
N GLY A 623 4.04 -28.89 30.51
CA GLY A 623 3.08 -28.03 31.16
C GLY A 623 1.96 -27.66 30.21
N THR A 624 1.09 -26.76 30.65
CA THR A 624 -0.01 -26.30 29.82
C THR A 624 -0.05 -24.77 29.91
N VAL A 625 -0.11 -24.13 28.75
CA VAL A 625 -0.22 -22.68 28.71
C VAL A 625 -1.67 -22.42 28.34
N THR A 626 -2.32 -21.53 29.06
CA THR A 626 -3.70 -21.17 28.75
C THR A 626 -3.57 -19.71 28.28
N LEU A 627 -3.74 -19.53 26.98
CA LEU A 627 -3.59 -18.21 26.36
C LEU A 627 -4.92 -17.71 25.84
N ASN A 628 -5.43 -16.65 26.45
CA ASN A 628 -6.73 -16.10 26.04
C ASN A 628 -7.80 -17.19 26.03
N GLY A 629 -7.71 -18.09 27.02
CA GLY A 629 -8.66 -19.17 27.16
C GLY A 629 -8.35 -20.48 26.45
N GLU A 630 -7.36 -20.47 25.58
CA GLU A 630 -7.01 -21.67 24.84
C GLU A 630 -5.88 -22.44 25.50
N ASP A 631 -6.07 -23.74 25.70
CA ASP A 631 -5.01 -24.55 26.30
C ASP A 631 -4.04 -25.00 25.23
N ILE A 632 -2.75 -24.81 25.52
CA ILE A 632 -1.69 -25.18 24.62
C ILE A 632 -0.61 -25.96 25.36
N PRO A 633 -0.34 -27.21 24.95
CA PRO A 633 0.68 -28.01 25.62
C PRO A 633 2.08 -27.44 25.30
N VAL A 634 2.97 -27.45 26.30
CA VAL A 634 4.34 -26.97 26.11
C VAL A 634 5.28 -27.95 26.78
N TYR A 635 6.51 -28.00 26.30
CA TYR A 635 7.49 -28.89 26.89
C TYR A 635 8.88 -28.42 26.51
N GLY A 636 9.87 -29.02 27.16
CA GLY A 636 11.25 -28.69 26.89
C GLY A 636 12.07 -29.78 27.54
N VAL A 637 13.36 -29.80 27.27
CA VAL A 637 14.21 -30.82 27.86
C VAL A 637 15.37 -30.14 28.55
N LEU A 638 15.58 -30.47 29.83
CA LEU A 638 16.71 -29.94 30.58
C LEU A 638 17.75 -31.02 30.38
N LYS A 639 18.73 -30.75 29.52
CA LYS A 639 19.77 -31.73 29.21
C LYS A 639 20.72 -31.97 30.39
N ALA A 640 21.20 -33.20 30.52
CA ALA A 640 22.11 -33.49 31.62
C ALA A 640 23.32 -32.57 31.51
N GLY A 641 23.84 -32.14 32.66
CA GLY A 641 24.98 -31.25 32.67
C GLY A 641 24.65 -29.78 32.54
N THR A 642 23.38 -29.46 32.30
CA THR A 642 22.97 -28.06 32.16
C THR A 642 22.12 -27.60 33.35
N THR A 643 22.00 -26.28 33.51
CA THR A 643 21.24 -25.71 34.61
C THR A 643 20.02 -24.91 34.17
N TRP A 644 19.72 -24.93 32.88
CA TRP A 644 18.55 -24.20 32.40
C TRP A 644 18.07 -24.65 31.04
N THR A 645 16.79 -24.45 30.77
CA THR A 645 16.26 -24.77 29.47
C THR A 645 15.03 -23.92 29.21
N ILE A 646 14.56 -23.93 27.97
CA ILE A 646 13.39 -23.17 27.56
C ILE A 646 12.23 -24.15 27.32
N ILE A 647 11.02 -23.72 27.63
CA ILE A 647 9.84 -24.57 27.46
C ILE A 647 8.81 -23.89 26.59
N ASP A 648 8.34 -24.55 25.54
CA ASP A 648 7.31 -23.95 24.70
C ASP A 648 6.56 -25.00 23.88
N ASP A 649 5.64 -24.58 23.03
CA ASP A 649 4.88 -25.56 22.26
C ASP A 649 5.66 -26.27 21.18
N PHE A 650 6.92 -25.91 21.03
CA PHE A 650 7.77 -26.55 20.04
C PHE A 650 8.95 -27.24 20.71
N GLY A 651 8.84 -27.47 22.01
CA GLY A 651 9.89 -28.14 22.75
C GLY A 651 11.06 -27.31 23.24
N GLY A 652 10.95 -25.99 23.17
CA GLY A 652 12.02 -25.11 23.60
C GLY A 652 12.83 -24.84 22.34
N LEU A 653 12.25 -24.07 21.43
CA LEU A 653 12.90 -23.83 20.14
C LEU A 653 13.51 -22.47 19.88
N ASN A 654 14.80 -22.48 19.56
CA ASN A 654 15.51 -21.26 19.22
C ASN A 654 15.33 -21.08 17.71
N LEU A 655 14.67 -20.00 17.31
CA LEU A 655 14.43 -19.74 15.90
C LEU A 655 15.64 -19.03 15.30
N GLY A 656 16.60 -18.74 16.15
CA GLY A 656 17.82 -18.06 15.72
C GLY A 656 19.02 -18.98 15.80
N THR A 657 20.13 -18.46 16.33
CA THR A 657 21.35 -19.26 16.46
C THR A 657 21.86 -19.18 17.88
N ASP A 658 22.87 -19.99 18.19
CA ASP A 658 23.44 -19.98 19.53
C ASP A 658 23.97 -18.58 19.83
N SER A 659 24.67 -17.99 18.86
CA SER A 659 25.24 -16.65 19.00
C SER A 659 24.19 -15.56 19.08
N GLN A 660 23.18 -15.64 18.22
CA GLN A 660 22.09 -14.68 18.16
C GLN A 660 20.77 -15.42 18.37
N PRO A 661 20.44 -15.74 19.63
CA PRO A 661 19.20 -16.45 19.93
C PRO A 661 17.91 -15.65 19.81
N ILE A 662 16.85 -16.35 19.45
CA ILE A 662 15.52 -15.78 19.37
C ILE A 662 14.60 -16.97 19.59
N TYR A 663 14.20 -17.19 20.84
CA TYR A 663 13.34 -18.31 21.16
C TYR A 663 11.88 -17.97 20.87
N VAL A 664 11.11 -19.01 20.58
CA VAL A 664 9.68 -18.88 20.33
C VAL A 664 9.14 -18.01 21.47
N TRP A 665 8.26 -17.08 21.12
CA TRP A 665 7.71 -16.18 22.12
C TRP A 665 6.19 -16.20 22.18
N TRP A 666 5.67 -15.63 23.25
CA TRP A 666 4.23 -15.52 23.51
C TRP A 666 3.93 -14.03 23.50
N THR A 667 2.97 -13.64 22.68
CA THR A 667 2.61 -12.24 22.51
C THR A 667 1.38 -11.88 23.34
N ILE A 668 1.55 -10.98 24.29
CA ILE A 668 0.47 -10.57 25.17
C ILE A 668 0.40 -9.04 25.32
N PHE A 669 -0.72 -8.56 25.86
CA PHE A 669 -0.93 -7.13 25.99
C PHE A 669 -1.26 -6.62 27.39
N GLY A 670 -1.23 -7.52 28.37
CA GLY A 670 -1.51 -7.11 29.73
C GLY A 670 -2.99 -6.92 30.02
N GLN A 671 -3.26 -6.24 31.14
CA GLN A 671 -4.63 -6.01 31.53
C GLN A 671 -4.77 -4.57 32.01
#